data_7TYE
#
_entry.id   7TYE
#
_cell.length_a   164.990
_cell.length_b   108.514
_cell.length_c   47.438
_cell.angle_alpha   90.000
_cell.angle_beta   98.738
_cell.angle_gamma   90.000
#
_symmetry.space_group_name_H-M   'C 1 2 1'
#
loop_
_entity.id
_entity.type
_entity.pdbx_description
1 polymer '3,4-dihydroxy-2-butanone 4-phosphate synthase'
2 water water
#
_entity_poly.entity_id   1
_entity_poly.type   'polypeptide(L)'
_entity_poly.pdbx_seq_one_letter_code
;MNQTLLSSFGTPFERVENALAALREGRGVMVLDDEDRENEGDMIFPAETMTVEQMALTIRHGSGIVCLCITEDRRKQLDL
PMMVENNTSAYGTGFTVTIEAAEGVTTSVSAADRITTVRAAIADGAKPSDLNRPGHVFPLRAQAGGVLTRGGHTEATIDL
MTLAGFKPAGVLCELTNDDGTMARAPECIEFANKHNMALVTIEDLVAYRQAHERKASGSSHHHHHH
;
_entity_poly.pdbx_strand_id   A,B,C
#
# COMPACT_ATOMS: atom_id res chain seq x y z
N GLN A 3 49.16 -10.88 -18.89
CA GLN A 3 48.22 -10.03 -19.62
C GLN A 3 47.76 -8.85 -18.76
N THR A 4 47.12 -9.14 -17.64
CA THR A 4 46.67 -8.10 -16.72
C THR A 4 47.18 -8.41 -15.31
N LEU A 5 46.96 -7.45 -14.40
CA LEU A 5 47.44 -7.59 -13.03
C LEU A 5 46.92 -8.88 -12.40
N LEU A 6 45.67 -9.23 -12.67
CA LEU A 6 45.03 -10.39 -12.07
C LEU A 6 44.80 -11.51 -13.08
N SER A 7 45.37 -11.41 -14.28
CA SER A 7 45.12 -12.41 -15.31
C SER A 7 45.63 -13.79 -14.92
N SER A 8 46.59 -13.88 -14.00
CA SER A 8 47.07 -15.17 -13.53
C SER A 8 46.05 -15.90 -12.68
N PHE A 9 44.99 -15.22 -12.24
CA PHE A 9 43.93 -15.83 -11.44
C PHE A 9 42.71 -16.19 -12.28
N GLY A 10 42.81 -16.11 -13.59
CA GLY A 10 41.74 -16.44 -14.50
C GLY A 10 41.14 -15.21 -15.16
N THR A 11 40.29 -15.48 -16.16
CA THR A 11 39.49 -14.46 -16.82
C THR A 11 38.59 -13.78 -15.77
N PRO A 12 37.96 -12.65 -16.09
CA PRO A 12 37.05 -12.04 -15.10
C PRO A 12 36.00 -13.00 -14.58
N PHE A 13 35.33 -13.77 -15.46
CA PHE A 13 34.29 -14.68 -14.98
C PHE A 13 34.90 -15.88 -14.25
N GLU A 14 36.07 -16.35 -14.70
CA GLU A 14 36.75 -17.41 -13.97
C GLU A 14 37.11 -16.97 -12.56
N ARG A 15 37.50 -15.70 -12.39
CA ARG A 15 37.87 -15.22 -11.07
C ARG A 15 36.68 -15.30 -10.11
N VAL A 16 35.47 -15.02 -10.60
CA VAL A 16 34.28 -15.16 -9.76
C VAL A 16 34.08 -16.61 -9.36
N GLU A 17 34.06 -17.52 -10.34
CA GLU A 17 33.84 -18.93 -10.06
C GLU A 17 34.91 -19.48 -9.12
N ASN A 18 36.17 -19.07 -9.32
CA ASN A 18 37.23 -19.50 -8.41
C ASN A 18 36.97 -18.99 -7.00
N ALA A 19 36.48 -17.75 -6.88
CA ALA A 19 36.14 -17.22 -5.56
C ALA A 19 35.02 -18.02 -4.91
N LEU A 20 34.01 -18.40 -5.70
CA LEU A 20 32.92 -19.22 -5.17
C LEU A 20 33.46 -20.55 -4.69
N ALA A 21 34.31 -21.20 -5.49
CA ALA A 21 34.91 -22.45 -5.09
C ALA A 21 35.72 -22.31 -3.81
N ALA A 22 36.46 -21.20 -3.68
CA ALA A 22 37.25 -20.99 -2.46
C ALA A 22 36.35 -20.89 -1.23
N LEU A 23 35.26 -20.12 -1.32
CA LEU A 23 34.36 -20.00 -0.18
C LEU A 23 33.73 -21.33 0.17
N ARG A 24 33.33 -22.11 -0.84
CA ARG A 24 32.75 -23.43 -0.56
C ARG A 24 33.76 -24.36 0.10
N GLU A 25 35.04 -24.17 -0.19
CA GLU A 25 36.09 -25.05 0.32
C GLU A 25 36.62 -24.61 1.68
N GLY A 26 36.03 -23.59 2.30
CA GLY A 26 36.48 -23.13 3.58
C GLY A 26 37.65 -22.18 3.54
N ARG A 27 37.98 -21.62 2.39
CA ARG A 27 39.08 -20.68 2.24
C ARG A 27 38.53 -19.25 2.14
N GLY A 28 39.45 -18.28 2.26
CA GLY A 28 39.08 -16.89 2.16
C GLY A 28 39.06 -16.41 0.72
N VAL A 29 38.63 -15.17 0.55
CA VAL A 29 38.65 -14.49 -0.74
C VAL A 29 39.15 -13.07 -0.53
N MET A 30 40.04 -12.61 -1.41
CA MET A 30 40.50 -11.23 -1.44
C MET A 30 39.68 -10.48 -2.49
N VAL A 31 39.02 -9.40 -2.06
CA VAL A 31 38.15 -8.61 -2.93
C VAL A 31 38.84 -7.28 -3.22
N LEU A 32 39.05 -6.99 -4.50
CA LEU A 32 39.55 -5.70 -4.95
C LEU A 32 38.45 -4.94 -5.68
N ASP A 33 38.63 -3.62 -5.79
CA ASP A 33 37.66 -2.81 -6.52
C ASP A 33 37.79 -3.04 -8.02
N ASP A 34 39.02 -3.04 -8.52
CA ASP A 34 39.33 -3.21 -9.94
C ASP A 34 40.78 -3.68 -10.03
N GLU A 35 41.40 -3.47 -11.19
CA GLU A 35 42.77 -3.92 -11.42
C GLU A 35 43.80 -2.79 -11.30
N ASP A 36 43.42 -1.65 -10.73
CA ASP A 36 44.39 -0.61 -10.44
C ASP A 36 45.35 -1.08 -9.36
N ARG A 37 46.66 -1.01 -9.64
CA ARG A 37 47.63 -1.56 -8.70
C ARG A 37 47.76 -0.74 -7.43
N GLU A 38 47.18 0.46 -7.39
CA GLU A 38 47.22 1.30 -6.19
C GLU A 38 45.95 1.18 -5.34
N ASN A 39 45.00 0.33 -5.72
CA ASN A 39 43.82 0.13 -4.90
C ASN A 39 44.10 -0.88 -3.81
N GLU A 40 43.24 -0.87 -2.79
CA GLU A 40 43.38 -1.73 -1.61
C GLU A 40 42.35 -2.86 -1.68
N GLY A 41 42.43 -3.77 -0.70
CA GLY A 41 41.63 -4.97 -0.76
C GLY A 41 41.13 -5.40 0.62
N ASP A 42 40.03 -6.14 0.61
CA ASP A 42 39.44 -6.72 1.81
C ASP A 42 39.48 -8.23 1.75
N MET A 43 39.70 -8.85 2.93
CA MET A 43 39.54 -10.29 3.08
C MET A 43 38.11 -10.58 3.52
N ILE A 44 37.53 -11.65 2.96
CA ILE A 44 36.16 -12.02 3.32
C ILE A 44 36.06 -13.53 3.54
N PHE A 45 35.13 -13.90 4.42
CA PHE A 45 34.82 -15.27 4.78
C PHE A 45 33.31 -15.40 4.97
N PRO A 46 32.74 -16.58 4.69
CA PRO A 46 31.32 -16.80 5.03
C PRO A 46 31.12 -16.77 6.53
N ALA A 47 30.09 -16.03 6.96
CA ALA A 47 29.83 -15.91 8.40
C ALA A 47 29.52 -17.27 9.03
N GLU A 48 28.90 -18.17 8.26
CA GLU A 48 28.56 -19.49 8.79
C GLU A 48 29.80 -20.31 9.13
N THR A 49 30.80 -20.30 8.26
CA THR A 49 31.90 -21.24 8.35
C THR A 49 33.20 -20.64 8.86
N MET A 50 33.27 -19.32 9.05
CA MET A 50 34.52 -18.71 9.49
C MET A 50 34.94 -19.29 10.83
N THR A 51 36.19 -19.71 10.92
CA THR A 51 36.72 -20.35 12.13
C THR A 51 37.41 -19.32 13.01
N VAL A 52 37.73 -19.74 14.24
CA VAL A 52 38.45 -18.86 15.15
C VAL A 52 39.82 -18.52 14.58
N GLU A 53 40.48 -19.51 13.96
CA GLU A 53 41.77 -19.25 13.32
C GLU A 53 41.65 -18.19 12.24
N GLN A 54 40.60 -18.26 11.43
CA GLN A 54 40.42 -17.26 10.38
C GLN A 54 40.13 -15.89 10.98
N MET A 55 39.40 -15.85 12.11
CA MET A 55 39.21 -14.58 12.79
C MET A 55 40.52 -14.07 13.38
N ALA A 56 41.34 -14.96 13.92
CA ALA A 56 42.67 -14.57 14.39
C ALA A 56 43.52 -13.99 13.28
N LEU A 57 43.49 -14.63 12.10
CA LEU A 57 44.25 -14.13 10.95
C LEU A 57 43.74 -12.74 10.54
N THR A 58 42.43 -12.53 10.65
CA THR A 58 41.82 -11.26 10.25
C THR A 58 42.23 -10.14 11.19
N ILE A 59 42.28 -10.41 12.50
CA ILE A 59 42.69 -9.41 13.47
C ILE A 59 44.18 -9.13 13.34
N ARG A 60 44.97 -10.17 13.06
CA ARG A 60 46.41 -10.03 13.01
C ARG A 60 46.87 -9.22 11.80
N HIS A 61 46.27 -9.45 10.62
CA HIS A 61 46.73 -8.81 9.40
C HIS A 61 45.76 -7.77 8.85
N GLY A 62 44.58 -7.64 9.45
CA GLY A 62 43.61 -6.66 9.02
C GLY A 62 43.62 -5.41 9.88
N SER A 63 42.64 -4.54 9.62
CA SER A 63 42.52 -3.33 10.42
C SER A 63 42.07 -3.63 11.85
N GLY A 64 41.56 -4.83 12.10
CA GLY A 64 40.93 -5.13 13.37
C GLY A 64 39.49 -4.66 13.47
N ILE A 65 39.03 -3.85 12.51
CA ILE A 65 37.63 -3.42 12.47
C ILE A 65 36.91 -4.45 11.62
N VAL A 66 36.53 -5.55 12.27
CA VAL A 66 36.03 -6.73 11.59
C VAL A 66 34.51 -6.60 11.49
N CYS A 67 33.99 -6.59 10.26
CA CYS A 67 32.61 -6.24 9.98
C CYS A 67 31.80 -7.48 9.60
N LEU A 68 30.49 -7.42 9.88
CA LEU A 68 29.56 -8.50 9.56
C LEU A 68 28.56 -7.96 8.54
N CYS A 69 28.71 -8.37 7.29
CA CYS A 69 27.79 -7.95 6.23
C CYS A 69 26.50 -8.76 6.31
N ILE A 70 25.37 -8.06 6.41
CA ILE A 70 24.06 -8.69 6.54
C ILE A 70 23.09 -8.03 5.58
N THR A 71 21.95 -8.70 5.36
CA THR A 71 20.88 -8.18 4.54
C THR A 71 19.97 -7.28 5.37
N GLU A 72 19.11 -6.53 4.68
CA GLU A 72 18.13 -5.70 5.38
C GLU A 72 17.18 -6.56 6.23
N ASP A 73 16.72 -7.70 5.70
CA ASP A 73 15.80 -8.54 6.46
C ASP A 73 16.45 -9.09 7.73
N ARG A 74 17.76 -9.37 7.69
CA ARG A 74 18.46 -9.78 8.91
C ARG A 74 18.58 -8.60 9.88
N ARG A 75 18.85 -7.40 9.35
CA ARG A 75 18.89 -6.23 10.22
C ARG A 75 17.55 -6.00 10.91
N LYS A 76 16.45 -6.23 10.18
CA LYS A 76 15.14 -6.12 10.79
C LYS A 76 14.90 -7.24 11.79
N GLN A 77 15.38 -8.45 11.49
CA GLN A 77 15.20 -9.57 12.42
C GLN A 77 15.94 -9.34 13.72
N LEU A 78 17.12 -8.73 13.65
CA LEU A 78 17.88 -8.41 14.85
C LEU A 78 17.45 -7.09 15.48
N ASP A 79 16.59 -6.33 14.83
CA ASP A 79 16.12 -5.03 15.31
C ASP A 79 17.30 -4.11 15.61
N LEU A 80 18.20 -4.00 14.64
CA LEU A 80 19.39 -3.18 14.74
C LEU A 80 19.18 -1.86 14.01
N PRO A 81 19.09 -0.72 14.70
CA PRO A 81 19.00 0.55 13.99
C PRO A 81 20.30 0.85 13.24
N MET A 82 20.18 1.64 12.17
CA MET A 82 21.38 2.16 11.54
C MET A 82 22.07 3.11 12.52
N MET A 83 23.41 3.20 12.42
CA MET A 83 24.13 3.93 13.45
C MET A 83 23.81 5.42 13.41
N VAL A 84 23.69 6.01 12.22
CA VAL A 84 23.39 7.42 12.10
C VAL A 84 22.21 7.59 11.17
N GLU A 85 21.32 8.53 11.50
CA GLU A 85 20.24 8.90 10.60
C GLU A 85 20.79 9.69 9.42
N ASN A 86 21.58 10.71 9.70
CA ASN A 86 22.18 11.56 8.66
C ASN A 86 23.60 11.06 8.42
N ASN A 87 23.73 10.12 7.48
CA ASN A 87 25.02 9.51 7.19
C ASN A 87 25.84 10.45 6.33
N THR A 88 26.98 10.89 6.85
CA THR A 88 27.86 11.83 6.17
C THR A 88 29.18 11.21 5.76
N SER A 89 29.34 9.89 5.88
CA SER A 89 30.55 9.24 5.42
C SER A 89 30.65 9.36 3.90
N ALA A 90 31.89 9.28 3.40
CA ALA A 90 32.15 9.54 1.99
C ALA A 90 31.51 8.48 1.09
N TYR A 91 31.47 7.23 1.55
CA TYR A 91 30.91 6.14 0.77
C TYR A 91 29.48 5.79 1.17
N GLY A 92 28.93 6.44 2.19
CA GLY A 92 27.61 6.09 2.69
C GLY A 92 27.60 4.70 3.26
N THR A 93 28.62 4.36 4.06
CA THR A 93 28.77 3.02 4.59
C THR A 93 27.61 2.69 5.53
N GLY A 94 27.00 1.52 5.31
CA GLY A 94 25.82 1.12 6.04
C GLY A 94 26.07 0.53 7.42
N PHE A 95 26.82 1.23 8.27
CA PHE A 95 27.05 0.77 9.63
C PHE A 95 25.77 0.76 10.46
N THR A 96 25.46 -0.38 11.09
CA THR A 96 24.41 -0.36 12.11
C THR A 96 25.04 -0.04 13.47
N VAL A 97 24.18 -0.03 14.49
CA VAL A 97 24.68 -0.08 15.87
C VAL A 97 25.53 -1.33 16.03
N THR A 98 26.60 -1.22 16.81
CA THR A 98 27.53 -2.33 16.97
C THR A 98 26.98 -3.34 17.98
N ILE A 99 27.48 -4.58 17.91
CA ILE A 99 26.82 -5.69 18.58
C ILE A 99 27.81 -6.54 19.36
N GLU A 100 27.28 -7.21 20.40
CA GLU A 100 27.98 -8.17 21.22
C GLU A 100 27.02 -9.31 21.56
N ALA A 101 27.51 -10.55 21.48
CA ALA A 101 26.70 -11.67 21.94
C ALA A 101 26.33 -11.44 23.40
N ALA A 102 25.05 -11.65 23.73
CA ALA A 102 24.62 -11.46 25.10
C ALA A 102 25.09 -12.57 26.03
N GLU A 103 25.47 -13.72 25.48
CA GLU A 103 25.98 -14.84 26.27
C GLU A 103 27.25 -15.38 25.65
N GLY A 104 28.18 -15.83 26.49
CA GLY A 104 29.33 -16.58 26.05
C GLY A 104 30.59 -15.78 25.76
N VAL A 105 30.64 -14.52 26.16
CA VAL A 105 31.81 -13.68 25.92
C VAL A 105 32.28 -13.05 27.22
N THR A 106 33.53 -12.60 27.21
CA THR A 106 34.11 -11.90 28.36
C THR A 106 34.47 -10.46 27.98
N THR A 107 35.71 -10.22 27.59
CA THR A 107 36.10 -8.89 27.11
C THR A 107 35.69 -8.65 25.67
N SER A 108 35.23 -9.68 24.97
CA SER A 108 34.54 -9.63 23.67
C SER A 108 35.43 -9.32 22.47
N VAL A 109 36.71 -9.01 22.66
CA VAL A 109 37.57 -8.67 21.52
C VAL A 109 38.43 -9.83 21.07
N SER A 110 38.52 -10.92 21.86
CA SER A 110 39.29 -12.07 21.42
C SER A 110 38.65 -12.67 20.17
N ALA A 111 39.46 -13.42 19.42
CA ALA A 111 38.98 -14.00 18.17
C ALA A 111 37.81 -14.95 18.43
N ALA A 112 37.90 -15.75 19.49
CA ALA A 112 36.80 -16.62 19.86
C ALA A 112 35.54 -15.82 20.20
N ASP A 113 35.70 -14.71 20.91
CA ASP A 113 34.54 -13.93 21.32
C ASP A 113 33.87 -13.25 20.13
N ARG A 114 34.66 -12.72 19.18
CA ARG A 114 34.04 -12.12 18.00
C ARG A 114 33.33 -13.17 17.16
N ILE A 115 33.88 -14.39 17.10
CA ILE A 115 33.21 -15.48 16.38
C ILE A 115 31.90 -15.84 17.08
N THR A 116 31.91 -15.90 18.40
CA THR A 116 30.67 -16.13 19.14
C THR A 116 29.62 -15.08 18.80
N THR A 117 30.05 -13.82 18.69
CA THR A 117 29.11 -12.75 18.37
C THR A 117 28.59 -12.91 16.94
N VAL A 118 29.48 -13.16 15.98
CA VAL A 118 29.04 -13.37 14.60
C VAL A 118 28.02 -14.51 14.54
N ARG A 119 28.30 -15.62 15.24
CA ARG A 119 27.41 -16.78 15.13
C ARG A 119 26.06 -16.53 15.78
N ALA A 120 26.02 -15.77 16.86
CA ALA A 120 24.73 -15.40 17.45
C ALA A 120 23.91 -14.55 16.48
N ALA A 121 24.55 -13.62 15.78
CA ALA A 121 23.80 -12.72 14.89
C ALA A 121 23.21 -13.45 13.70
N ILE A 122 23.95 -14.41 13.13
CA ILE A 122 23.54 -15.06 11.88
C ILE A 122 22.74 -16.33 12.10
N ALA A 123 22.49 -16.72 13.36
CA ALA A 123 21.84 -17.99 13.63
C ALA A 123 20.41 -17.98 13.11
N ASP A 124 19.97 -19.15 12.64
CA ASP A 124 18.55 -19.38 12.39
C ASP A 124 17.76 -19.11 13.65
N GLY A 125 16.74 -18.27 13.55
CA GLY A 125 15.94 -17.92 14.71
C GLY A 125 16.56 -16.89 15.61
N ALA A 126 17.60 -16.18 15.17
CA ALA A 126 18.21 -15.16 16.01
C ALA A 126 17.19 -14.09 16.37
N LYS A 127 17.19 -13.68 17.64
CA LYS A 127 16.31 -12.66 18.19
C LYS A 127 17.13 -11.45 18.62
N PRO A 128 16.51 -10.26 18.69
CA PRO A 128 17.26 -9.07 19.12
C PRO A 128 17.91 -9.21 20.48
N SER A 129 17.28 -9.92 21.42
CA SER A 129 17.85 -10.08 22.76
C SER A 129 19.07 -10.98 22.78
N ASP A 130 19.40 -11.64 21.67
CA ASP A 130 20.65 -12.39 21.61
C ASP A 130 21.87 -11.50 21.47
N LEU A 131 21.68 -10.19 21.23
CA LEU A 131 22.80 -9.28 21.02
C LEU A 131 22.66 -8.08 21.96
N ASN A 132 23.73 -7.76 22.67
CA ASN A 132 23.81 -6.49 23.38
C ASN A 132 24.35 -5.41 22.45
N ARG A 133 24.01 -4.16 22.75
CA ARG A 133 24.50 -3.01 22.01
C ARG A 133 24.93 -1.93 23.00
N PRO A 134 26.05 -1.24 22.72
CA PRO A 134 27.00 -1.44 21.62
C PRO A 134 27.91 -2.63 21.87
N GLY A 135 28.78 -2.92 20.91
CA GLY A 135 29.64 -4.06 21.02
C GLY A 135 30.88 -3.89 20.17
N HIS A 136 31.57 -5.01 19.95
CA HIS A 136 32.85 -4.96 19.26
C HIS A 136 32.85 -5.69 17.92
N VAL A 137 31.67 -6.01 17.40
CA VAL A 137 31.52 -6.45 16.01
C VAL A 137 30.65 -5.42 15.28
N PHE A 138 31.00 -5.12 14.04
CA PHE A 138 30.40 -3.99 13.33
C PHE A 138 29.57 -4.48 12.16
N PRO A 139 28.25 -4.59 12.30
CA PRO A 139 27.43 -5.05 11.18
C PRO A 139 27.33 -3.99 10.09
N LEU A 140 27.28 -4.46 8.84
CA LEU A 140 27.10 -3.62 7.67
C LEU A 140 25.89 -4.09 6.89
N ARG A 141 24.95 -3.19 6.62
CA ARG A 141 23.71 -3.56 5.93
C ARG A 141 23.88 -3.36 4.43
N ALA A 142 23.80 -4.45 3.67
CA ALA A 142 23.89 -4.38 2.23
C ALA A 142 22.62 -3.81 1.62
N GLN A 143 22.78 -3.00 0.58
CA GLN A 143 21.64 -2.46 -0.15
C GLN A 143 20.95 -3.57 -0.92
N ALA A 144 19.63 -3.51 -0.97
CA ALA A 144 18.86 -4.45 -1.79
C ALA A 144 19.32 -4.36 -3.24
N GLY A 145 19.55 -5.51 -3.86
CA GLY A 145 20.08 -5.57 -5.21
C GLY A 145 21.55 -5.86 -5.30
N GLY A 146 22.27 -5.86 -4.18
CA GLY A 146 23.69 -6.18 -4.21
C GLY A 146 24.48 -5.20 -5.05
N VAL A 147 25.53 -5.71 -5.71
CA VAL A 147 26.43 -4.83 -6.46
C VAL A 147 25.78 -4.21 -7.68
N LEU A 148 24.63 -4.71 -8.11
CA LEU A 148 23.91 -4.05 -9.19
C LEU A 148 23.24 -2.76 -8.72
N THR A 149 23.10 -2.57 -7.42
CA THR A 149 22.63 -1.31 -6.85
C THR A 149 23.76 -0.42 -6.37
N ARG A 150 24.71 -1.00 -5.64
CA ARG A 150 25.82 -0.26 -5.05
C ARG A 150 27.05 -1.16 -5.08
N GLY A 151 28.10 -0.71 -5.77
CA GLY A 151 29.29 -1.52 -5.90
C GLY A 151 30.24 -1.44 -4.73
N GLY A 152 29.73 -1.62 -3.51
CA GLY A 152 30.59 -1.62 -2.34
C GLY A 152 31.04 -3.01 -1.95
N HIS A 153 32.02 -3.06 -1.04
CA HIS A 153 32.49 -4.35 -0.53
C HIS A 153 31.40 -5.07 0.26
N THR A 154 30.53 -4.31 0.93
CA THR A 154 29.43 -4.93 1.67
C THR A 154 28.53 -5.74 0.73
N GLU A 155 28.09 -5.11 -0.36
CA GLU A 155 27.25 -5.80 -1.34
C GLU A 155 28.01 -6.95 -2.00
N ALA A 156 29.25 -6.71 -2.43
CA ALA A 156 30.04 -7.78 -3.04
C ALA A 156 30.15 -8.97 -2.12
N THR A 157 30.38 -8.73 -0.84
CA THR A 157 30.48 -9.83 0.12
C THR A 157 29.22 -10.68 0.11
N ILE A 158 28.07 -10.04 0.29
CA ILE A 158 26.79 -10.76 0.33
C ILE A 158 26.56 -11.51 -0.97
N ASP A 159 26.72 -10.81 -2.11
CA ASP A 159 26.50 -11.42 -3.41
C ASP A 159 27.36 -12.66 -3.60
N LEU A 160 28.62 -12.59 -3.15
CA LEU A 160 29.49 -13.75 -3.27
C LEU A 160 29.00 -14.91 -2.39
N MET A 161 28.50 -14.60 -1.19
CA MET A 161 28.04 -15.69 -0.31
C MET A 161 26.83 -16.40 -0.91
N THR A 162 25.87 -15.64 -1.44
CA THR A 162 24.68 -16.28 -2.01
C THR A 162 25.02 -17.07 -3.27
N LEU A 163 25.93 -16.54 -4.10
CA LEU A 163 26.37 -17.27 -5.28
C LEU A 163 27.12 -18.55 -4.90
N ALA A 164 27.77 -18.54 -3.73
CA ALA A 164 28.48 -19.74 -3.27
C ALA A 164 27.55 -20.76 -2.63
N GLY A 165 26.30 -20.39 -2.38
CA GLY A 165 25.35 -21.29 -1.74
C GLY A 165 25.20 -21.13 -0.24
N PHE A 166 25.73 -20.05 0.33
CA PHE A 166 25.65 -19.81 1.76
C PHE A 166 24.49 -18.84 2.07
N LYS A 167 24.16 -18.78 3.37
CA LYS A 167 23.27 -17.72 3.83
C LYS A 167 23.90 -16.36 3.50
N PRO A 168 23.09 -15.34 3.21
CA PRO A 168 23.65 -14.05 2.79
C PRO A 168 24.30 -13.28 3.92
N ALA A 169 25.45 -13.76 4.40
CA ALA A 169 26.15 -13.10 5.50
C ALA A 169 27.62 -13.44 5.41
N GLY A 170 28.47 -12.42 5.47
CA GLY A 170 29.89 -12.62 5.36
C GLY A 170 30.63 -11.68 6.29
N VAL A 171 31.85 -12.06 6.62
CA VAL A 171 32.75 -11.26 7.45
C VAL A 171 33.79 -10.61 6.56
N LEU A 172 34.11 -9.34 6.82
CA LEU A 172 35.08 -8.65 5.98
C LEU A 172 36.00 -7.79 6.83
N CYS A 173 37.21 -7.57 6.34
CA CYS A 173 38.16 -6.67 6.98
C CYS A 173 39.23 -6.24 5.97
N GLU A 174 39.70 -5.01 6.10
CA GLU A 174 40.71 -4.46 5.18
C GLU A 174 42.10 -4.98 5.52
N LEU A 175 42.85 -5.33 4.48
CA LEU A 175 44.19 -5.89 4.68
C LEU A 175 45.18 -4.77 4.98
N THR A 176 45.91 -4.90 6.08
CA THR A 176 46.78 -3.86 6.59
C THR A 176 48.23 -4.35 6.60
N ASN A 177 49.15 -3.51 6.13
CA ASN A 177 50.56 -3.83 6.26
C ASN A 177 50.99 -3.72 7.71
N ASP A 178 52.09 -4.39 8.05
CA ASP A 178 52.57 -4.36 9.43
C ASP A 178 53.01 -2.96 9.85
N ASP A 179 53.40 -2.10 8.91
CA ASP A 179 53.87 -0.77 9.27
C ASP A 179 52.74 0.24 9.43
N GLY A 180 51.48 -0.18 9.31
CA GLY A 180 50.34 0.70 9.47
C GLY A 180 49.75 1.22 8.17
N THR A 181 50.49 1.14 7.06
CA THR A 181 49.92 1.53 5.78
C THR A 181 48.97 0.43 5.29
N MET A 182 48.03 0.82 4.42
CA MET A 182 47.10 -0.15 3.89
C MET A 182 47.73 -0.91 2.73
N ALA A 183 47.41 -2.19 2.62
CA ALA A 183 47.99 -3.00 1.56
C ALA A 183 47.37 -2.63 0.22
N ARG A 184 48.21 -2.30 -0.75
CA ARG A 184 47.75 -2.04 -2.11
C ARG A 184 47.75 -3.36 -2.89
N ALA A 185 47.31 -3.30 -4.15
CA ALA A 185 47.00 -4.51 -4.89
C ALA A 185 48.13 -5.55 -4.94
N PRO A 186 49.40 -5.18 -5.19
CA PRO A 186 50.44 -6.24 -5.19
C PRO A 186 50.61 -6.92 -3.83
N GLU A 187 50.50 -6.18 -2.73
CA GLU A 187 50.56 -6.82 -1.41
C GLU A 187 49.35 -7.71 -1.17
N CYS A 188 48.19 -7.30 -1.68
CA CYS A 188 47.00 -8.13 -1.55
C CYS A 188 47.16 -9.44 -2.32
N ILE A 189 47.75 -9.38 -3.50
CA ILE A 189 47.95 -10.59 -4.31
C ILE A 189 48.91 -11.53 -3.61
N GLU A 190 50.02 -11.01 -3.08
CA GLU A 190 50.98 -11.87 -2.39
C GLU A 190 50.37 -12.49 -1.13
N PHE A 191 49.64 -11.69 -0.36
CA PHE A 191 48.99 -12.22 0.83
C PHE A 191 48.00 -13.31 0.47
N ALA A 192 47.26 -13.13 -0.64
CA ALA A 192 46.29 -14.13 -1.04
C ALA A 192 46.98 -15.42 -1.52
N ASN A 193 48.08 -15.29 -2.26
CA ASN A 193 48.84 -16.46 -2.66
C ASN A 193 49.41 -17.19 -1.45
N LYS A 194 49.83 -16.43 -0.43
CA LYS A 194 50.45 -17.04 0.75
C LYS A 194 49.44 -17.82 1.58
N HIS A 195 48.19 -17.36 1.61
CA HIS A 195 47.16 -17.97 2.45
C HIS A 195 46.10 -18.71 1.64
N ASN A 196 46.39 -18.97 0.35
CA ASN A 196 45.52 -19.78 -0.51
C ASN A 196 44.10 -19.19 -0.58
N MET A 197 44.04 -17.88 -0.80
CA MET A 197 42.77 -17.18 -1.01
C MET A 197 42.62 -16.85 -2.49
N ALA A 198 41.38 -16.92 -2.98
CA ALA A 198 41.10 -16.48 -4.32
C ALA A 198 40.98 -14.96 -4.36
N LEU A 199 41.16 -14.40 -5.56
CA LEU A 199 41.13 -12.96 -5.78
C LEU A 199 40.10 -12.62 -6.86
N VAL A 200 39.26 -11.62 -6.58
CA VAL A 200 38.22 -11.20 -7.51
C VAL A 200 38.02 -9.70 -7.35
N THR A 201 37.59 -9.04 -8.42
CA THR A 201 37.25 -7.63 -8.34
C THR A 201 35.74 -7.45 -8.32
N ILE A 202 35.32 -6.30 -7.79
CA ILE A 202 33.91 -5.94 -7.80
C ILE A 202 33.42 -5.72 -9.22
N GLU A 203 34.30 -5.27 -10.12
CA GLU A 203 33.92 -5.14 -11.52
C GLU A 203 33.65 -6.51 -12.15
N ASP A 204 34.50 -7.50 -11.86
CA ASP A 204 34.22 -8.87 -12.31
C ASP A 204 32.83 -9.31 -11.88
N LEU A 205 32.49 -9.07 -10.62
CA LEU A 205 31.25 -9.60 -10.05
C LEU A 205 30.03 -8.89 -10.62
N VAL A 206 30.11 -7.56 -10.78
CA VAL A 206 29.03 -6.82 -11.43
C VAL A 206 28.75 -7.40 -12.80
N ALA A 207 29.79 -7.58 -13.61
CA ALA A 207 29.60 -8.11 -14.96
C ALA A 207 29.07 -9.54 -14.92
N TYR A 208 29.57 -10.35 -13.99
CA TYR A 208 29.11 -11.73 -13.86
C TYR A 208 27.60 -11.77 -13.59
N ARG A 209 27.15 -10.95 -12.63
CA ARG A 209 25.73 -10.97 -12.26
C ARG A 209 24.85 -10.41 -13.38
N GLN A 210 25.34 -9.41 -14.11
CA GLN A 210 24.53 -8.85 -15.19
C GLN A 210 24.33 -9.86 -16.30
N ALA A 211 25.36 -10.62 -16.64
CA ALA A 211 25.24 -11.59 -17.73
C ALA A 211 24.41 -12.78 -17.31
N HIS A 212 24.54 -13.23 -16.07
CA HIS A 212 23.85 -14.45 -15.66
C HIS A 212 22.39 -14.21 -15.29
N GLU A 213 22.05 -13.00 -14.88
CA GLU A 213 20.67 -12.71 -14.49
C GLU A 213 19.82 -12.24 -15.66
N ARG A 214 20.43 -11.97 -16.81
CA ARG A 214 19.66 -11.60 -17.99
C ARG A 214 18.92 -12.83 -18.51
N LYS A 215 17.61 -12.71 -18.67
CA LYS A 215 16.75 -13.79 -19.16
C LYS A 215 16.92 -15.07 -18.36
N ASN B 2 -51.78 20.52 3.23
CA ASN B 2 -52.11 19.14 3.58
C ASN B 2 -51.34 18.70 4.82
N GLN B 3 -51.08 17.40 4.91
CA GLN B 3 -50.32 16.84 6.01
C GLN B 3 -49.69 15.51 5.63
N THR B 4 -48.74 15.54 4.69
CA THR B 4 -47.95 14.36 4.36
C THR B 4 -46.53 14.56 4.87
N LEU B 5 -45.63 13.65 4.47
CA LEU B 5 -44.31 13.60 5.08
C LEU B 5 -43.53 14.89 4.83
N LEU B 6 -43.72 15.53 3.68
CA LEU B 6 -42.98 16.73 3.34
C LEU B 6 -43.88 17.94 3.12
N SER B 7 -45.11 17.91 3.65
CA SER B 7 -45.96 19.09 3.61
C SER B 7 -45.32 20.25 4.34
N SER B 8 -44.66 19.98 5.46
CA SER B 8 -44.02 21.02 6.26
C SER B 8 -42.95 21.78 5.49
N PHE B 9 -42.51 21.25 4.35
CA PHE B 9 -41.49 21.91 3.53
C PHE B 9 -42.04 22.27 2.15
N GLY B 10 -43.34 22.51 2.06
CA GLY B 10 -43.96 23.10 0.89
C GLY B 10 -44.64 22.09 -0.02
N THR B 11 -45.40 22.63 -0.96
CA THR B 11 -46.00 21.83 -2.03
C THR B 11 -44.89 21.22 -2.88
N PRO B 12 -45.17 20.08 -3.55
CA PRO B 12 -44.16 19.49 -4.46
C PRO B 12 -43.48 20.50 -5.37
N PHE B 13 -44.22 21.51 -5.86
CA PHE B 13 -43.59 22.53 -6.69
C PHE B 13 -42.78 23.51 -5.85
N GLU B 14 -43.19 23.77 -4.61
CA GLU B 14 -42.38 24.61 -3.73
C GLU B 14 -41.06 23.93 -3.39
N ARG B 15 -41.11 22.62 -3.10
CA ARG B 15 -39.90 21.92 -2.71
C ARG B 15 -38.84 21.96 -3.79
N VAL B 16 -39.25 21.96 -5.07
CA VAL B 16 -38.28 22.08 -6.16
C VAL B 16 -37.64 23.47 -6.14
N GLU B 17 -38.46 24.51 -5.98
CA GLU B 17 -37.92 25.87 -5.98
C GLU B 17 -37.07 26.14 -4.75
N ASN B 18 -37.43 25.56 -3.60
CA ASN B 18 -36.59 25.71 -2.41
C ASN B 18 -35.25 25.01 -2.61
N ALA B 19 -35.25 23.90 -3.34
CA ALA B 19 -33.98 23.22 -3.63
C ALA B 19 -33.13 24.03 -4.60
N LEU B 20 -33.76 24.64 -5.61
CA LEU B 20 -33.01 25.48 -6.54
C LEU B 20 -32.38 26.67 -5.82
N ALA B 21 -33.12 27.29 -4.91
CA ALA B 21 -32.58 28.41 -4.14
C ALA B 21 -31.47 27.95 -3.21
N ALA B 22 -31.61 26.75 -2.62
CA ALA B 22 -30.59 26.24 -1.72
C ALA B 22 -29.29 25.98 -2.46
N LEU B 23 -29.38 25.46 -3.69
CA LEU B 23 -28.17 25.22 -4.48
C LEU B 23 -27.49 26.53 -4.87
N ARG B 24 -28.28 27.54 -5.23
CA ARG B 24 -27.69 28.84 -5.58
C ARG B 24 -27.05 29.51 -4.37
N GLU B 25 -27.52 29.21 -3.17
CA GLU B 25 -26.98 29.79 -1.96
C GLU B 25 -25.84 28.98 -1.36
N GLY B 26 -25.26 28.05 -2.13
CA GLY B 26 -24.15 27.25 -1.64
C GLY B 26 -24.52 26.23 -0.60
N ARG B 27 -25.79 25.87 -0.49
CA ARG B 27 -26.25 24.86 0.45
C ARG B 27 -26.55 23.55 -0.27
N GLY B 28 -26.69 22.48 0.53
CA GLY B 28 -26.96 21.16 -0.02
C GLY B 28 -28.44 20.90 -0.20
N VAL B 29 -28.74 19.74 -0.80
CA VAL B 29 -30.12 19.30 -1.06
C VAL B 29 -30.21 17.82 -0.77
N MET B 30 -31.19 17.43 0.06
CA MET B 30 -31.51 16.03 0.31
C MET B 30 -32.55 15.57 -0.70
N VAL B 31 -32.29 14.47 -1.38
CA VAL B 31 -33.15 13.96 -2.44
C VAL B 31 -33.69 12.59 -2.04
N LEU B 32 -35.01 12.46 -2.04
CA LEU B 32 -35.69 11.19 -1.86
C LEU B 32 -36.38 10.80 -3.15
N ASP B 33 -36.73 9.52 -3.28
CA ASP B 33 -37.49 9.08 -4.43
C ASP B 33 -38.92 9.62 -4.38
N ASP B 34 -39.58 9.39 -3.25
CA ASP B 34 -40.94 9.89 -3.01
C ASP B 34 -41.14 10.11 -1.51
N GLU B 35 -42.36 9.90 -1.03
CA GLU B 35 -42.71 10.15 0.36
C GLU B 35 -42.85 8.88 1.19
N ASP B 36 -42.50 7.73 0.63
CA ASP B 36 -42.46 6.51 1.43
C ASP B 36 -41.42 6.68 2.54
N ARG B 37 -41.86 6.53 3.79
CA ARG B 37 -40.98 6.78 4.93
C ARG B 37 -39.89 5.71 5.08
N GLU B 38 -39.95 4.64 4.29
CA GLU B 38 -38.93 3.59 4.32
C GLU B 38 -37.91 3.75 3.20
N ASN B 39 -37.92 4.86 2.49
CA ASN B 39 -36.96 5.13 1.43
C ASN B 39 -35.76 5.89 1.96
N GLU B 40 -34.66 5.78 1.23
CA GLU B 40 -33.38 6.39 1.60
C GLU B 40 -33.14 7.64 0.76
N GLY B 41 -32.15 8.44 1.18
CA GLY B 41 -31.89 9.72 0.55
C GLY B 41 -30.40 9.90 0.21
N ASP B 42 -30.17 10.88 -0.67
CA ASP B 42 -28.82 11.23 -1.13
C ASP B 42 -28.58 12.72 -1.00
N MET B 43 -27.39 13.07 -0.51
CA MET B 43 -26.95 14.47 -0.52
C MET B 43 -26.39 14.84 -1.89
N ILE B 44 -26.72 16.04 -2.35
CA ILE B 44 -26.17 16.56 -3.61
C ILE B 44 -25.68 17.97 -3.42
N PHE B 45 -24.64 18.33 -4.18
CA PHE B 45 -24.06 19.67 -4.23
C PHE B 45 -23.65 19.97 -5.66
N PRO B 46 -23.67 21.24 -6.06
CA PRO B 46 -23.14 21.59 -7.39
C PRO B 46 -21.65 21.32 -7.45
N ALA B 47 -21.22 20.68 -8.54
CA ALA B 47 -19.80 20.37 -8.68
C ALA B 47 -18.94 21.63 -8.71
N GLU B 48 -19.50 22.75 -9.19
CA GLU B 48 -18.72 23.98 -9.30
C GLU B 48 -18.42 24.59 -7.95
N THR B 49 -19.42 24.62 -7.05
CA THR B 49 -19.31 25.38 -5.82
C THR B 49 -19.05 24.51 -4.58
N MET B 50 -19.03 23.19 -4.72
CA MET B 50 -18.88 22.32 -3.56
C MET B 50 -17.54 22.55 -2.89
N THR B 51 -17.57 22.81 -1.59
CA THR B 51 -16.38 23.14 -0.82
C THR B 51 -15.74 21.87 -0.25
N VAL B 52 -14.49 22.02 0.22
CA VAL B 52 -13.80 20.92 0.88
C VAL B 52 -14.52 20.54 2.17
N GLU B 53 -15.07 21.54 2.87
CA GLU B 53 -15.87 21.25 4.06
C GLU B 53 -17.09 20.41 3.71
N GLN B 54 -17.77 20.74 2.62
CA GLN B 54 -18.92 19.95 2.21
C GLN B 54 -18.52 18.55 1.76
N MET B 55 -17.34 18.41 1.15
CA MET B 55 -16.85 17.08 0.82
C MET B 55 -16.52 16.28 2.09
N ALA B 56 -15.96 16.96 3.09
CA ALA B 56 -15.71 16.30 4.37
C ALA B 56 -17.01 15.86 5.03
N LEU B 57 -18.10 16.60 4.79
CA LEU B 57 -19.38 16.26 5.39
C LEU B 57 -19.96 14.99 4.76
N THR B 58 -19.85 14.85 3.44
CA THR B 58 -20.41 13.67 2.78
C THR B 58 -19.58 12.43 3.01
N ILE B 59 -18.26 12.57 3.18
CA ILE B 59 -17.44 11.42 3.53
C ILE B 59 -17.73 10.98 4.96
N ARG B 60 -17.93 11.94 5.86
CA ARG B 60 -18.20 11.61 7.25
C ARG B 60 -19.56 10.94 7.41
N HIS B 61 -20.60 11.53 6.84
CA HIS B 61 -21.97 11.09 7.07
C HIS B 61 -22.56 10.29 5.91
N GLY B 62 -21.77 9.97 4.90
CA GLY B 62 -22.25 9.25 3.74
C GLY B 62 -21.61 7.88 3.59
N SER B 63 -21.91 7.25 2.45
CA SER B 63 -21.33 5.95 2.16
C SER B 63 -19.84 6.05 1.83
N GLY B 64 -19.32 7.25 1.59
CA GLY B 64 -17.96 7.42 1.12
C GLY B 64 -17.76 7.14 -0.35
N ILE B 65 -18.78 6.59 -1.03
CA ILE B 65 -18.70 6.36 -2.48
C ILE B 65 -19.27 7.61 -3.12
N VAL B 66 -18.43 8.63 -3.21
CA VAL B 66 -18.85 9.97 -3.61
C VAL B 66 -18.79 10.06 -5.13
N CYS B 67 -19.94 10.29 -5.76
CA CYS B 67 -20.10 10.20 -7.21
C CYS B 67 -20.18 11.59 -7.83
N LEU B 68 -19.78 11.67 -9.10
CA LEU B 68 -19.85 12.89 -9.89
C LEU B 68 -20.76 12.64 -11.08
N CYS B 69 -21.96 13.22 -11.04
CA CYS B 69 -22.90 13.05 -12.14
C CYS B 69 -22.54 14.02 -13.26
N ILE B 70 -22.46 13.49 -14.49
CA ILE B 70 -22.05 14.28 -15.66
C ILE B 70 -22.96 13.95 -16.83
N THR B 71 -22.91 14.81 -17.84
CA THR B 71 -23.64 14.55 -19.07
C THR B 71 -22.81 13.67 -20.02
N GLU B 72 -23.49 13.14 -21.02
CA GLU B 72 -22.83 12.37 -22.06
C GLU B 72 -21.75 13.18 -22.77
N ASP B 73 -22.03 14.46 -23.05
CA ASP B 73 -21.04 15.26 -23.77
C ASP B 73 -19.79 15.51 -22.92
N ARG B 74 -19.95 15.63 -21.60
CA ARG B 74 -18.79 15.71 -20.74
C ARG B 74 -18.06 14.37 -20.66
N ARG B 75 -18.81 13.25 -20.65
CA ARG B 75 -18.16 11.94 -20.70
C ARG B 75 -17.30 11.81 -21.95
N LYS B 76 -17.82 12.27 -23.10
CA LYS B 76 -17.04 12.19 -24.33
C LYS B 76 -15.87 13.17 -24.31
N GLN B 77 -16.06 14.34 -23.69
CA GLN B 77 -14.98 15.32 -23.61
C GLN B 77 -13.79 14.77 -22.81
N LEU B 78 -14.07 14.05 -21.73
CA LEU B 78 -13.04 13.41 -20.93
C LEU B 78 -12.59 12.06 -21.49
N ASP B 79 -13.21 11.59 -22.58
CA ASP B 79 -12.92 10.29 -23.17
C ASP B 79 -12.93 9.19 -22.11
N LEU B 80 -14.05 9.12 -21.38
CA LEU B 80 -14.22 8.17 -20.28
C LEU B 80 -15.11 7.03 -20.73
N PRO B 81 -14.61 5.80 -20.85
CA PRO B 81 -15.48 4.69 -21.21
C PRO B 81 -16.46 4.40 -20.08
N MET B 82 -17.59 3.81 -20.43
CA MET B 82 -18.44 3.22 -19.39
C MET B 82 -17.68 2.10 -18.72
N MET B 83 -17.99 1.84 -17.45
CA MET B 83 -17.21 0.85 -16.71
C MET B 83 -17.40 -0.55 -17.28
N VAL B 84 -18.62 -0.91 -17.62
CA VAL B 84 -18.92 -2.24 -18.12
C VAL B 84 -19.76 -2.13 -19.39
N GLU B 85 -19.51 -3.02 -20.34
CA GLU B 85 -20.33 -3.05 -21.55
C GLU B 85 -21.65 -3.74 -21.28
N ASN B 86 -21.60 -4.89 -20.60
CA ASN B 86 -22.80 -5.65 -20.24
C ASN B 86 -23.17 -5.29 -18.80
N ASN B 87 -23.90 -4.19 -18.65
CA ASN B 87 -24.30 -3.72 -17.33
C ASN B 87 -25.37 -4.64 -16.75
N THR B 88 -25.06 -5.28 -15.62
CA THR B 88 -25.97 -6.22 -14.97
C THR B 88 -26.49 -5.71 -13.63
N SER B 89 -26.24 -4.44 -13.30
CA SER B 89 -26.75 -3.88 -12.06
C SER B 89 -28.27 -3.76 -12.11
N ALA B 90 -28.90 -3.79 -10.93
CA ALA B 90 -30.35 -3.82 -10.85
C ALA B 90 -30.97 -2.56 -11.43
N TYR B 91 -30.35 -1.40 -11.21
CA TYR B 91 -30.88 -0.13 -11.70
C TYR B 91 -30.28 0.30 -13.03
N GLY B 92 -29.27 -0.41 -13.53
CA GLY B 92 -28.57 0.04 -14.73
C GLY B 92 -27.79 1.31 -14.48
N THR B 93 -27.09 1.36 -13.35
CA THR B 93 -26.37 2.57 -12.96
C THR B 93 -25.21 2.81 -13.92
N GLY B 94 -25.10 4.05 -14.41
CA GLY B 94 -24.15 4.39 -15.45
C GLY B 94 -22.79 4.81 -14.95
N PHE B 95 -22.12 3.94 -14.19
CA PHE B 95 -20.76 4.21 -13.76
C PHE B 95 -19.81 4.24 -14.95
N THR B 96 -19.00 5.30 -15.05
CA THR B 96 -17.88 5.28 -15.97
C THR B 96 -16.67 4.66 -15.26
N VAL B 97 -15.57 4.52 -16.01
CA VAL B 97 -14.29 4.25 -15.36
C VAL B 97 -14.02 5.35 -14.34
N THR B 98 -13.44 4.98 -13.20
CA THR B 98 -13.20 5.93 -12.11
C THR B 98 -11.99 6.80 -12.43
N ILE B 99 -11.88 7.92 -11.71
CA ILE B 99 -10.96 8.98 -12.10
C ILE B 99 -10.19 9.54 -10.92
N GLU B 100 -9.00 10.08 -11.23
CA GLU B 100 -8.15 10.80 -10.29
C GLU B 100 -7.60 12.02 -11.01
N ALA B 101 -7.51 13.15 -10.30
CA ALA B 101 -6.82 14.29 -10.86
C ALA B 101 -5.38 13.91 -11.19
N ALA B 102 -4.94 14.21 -12.42
CA ALA B 102 -3.58 13.91 -12.81
C ALA B 102 -2.56 14.77 -12.07
N GLU B 103 -2.99 15.90 -11.50
CA GLU B 103 -2.09 16.80 -10.81
C GLU B 103 -2.72 17.27 -9.51
N GLY B 104 -1.89 17.48 -8.49
CA GLY B 104 -2.32 18.15 -7.28
C GLY B 104 -2.97 17.28 -6.23
N VAL B 105 -2.74 15.96 -6.25
CA VAL B 105 -3.27 15.08 -5.21
C VAL B 105 -2.11 14.23 -4.67
N THR B 106 -2.37 13.59 -3.53
CA THR B 106 -1.40 12.67 -2.94
C THR B 106 -1.98 11.26 -2.87
N THR B 107 -2.62 10.91 -1.75
CA THR B 107 -3.32 9.65 -1.64
C THR B 107 -4.73 9.71 -2.22
N SER B 108 -5.20 10.91 -2.54
CA SER B 108 -6.38 11.17 -3.36
C SER B 108 -7.74 10.92 -2.70
N VAL B 109 -7.76 10.34 -1.50
CA VAL B 109 -9.03 10.04 -0.84
C VAL B 109 -9.43 11.11 0.15
N SER B 110 -8.54 12.06 0.48
CA SER B 110 -8.89 13.14 1.38
C SER B 110 -10.00 13.99 0.77
N ALA B 111 -10.68 14.75 1.63
CA ALA B 111 -11.75 15.63 1.15
C ALA B 111 -11.21 16.66 0.17
N ALA B 112 -10.00 17.17 0.43
CA ALA B 112 -9.40 18.14 -0.48
C ALA B 112 -9.03 17.52 -1.82
N ASP B 113 -8.52 16.28 -1.79
CA ASP B 113 -8.08 15.64 -3.02
C ASP B 113 -9.25 15.28 -3.91
N ARG B 114 -10.35 14.79 -3.33
CA ARG B 114 -11.53 14.47 -4.13
C ARG B 114 -12.11 15.72 -4.77
N ILE B 115 -12.09 16.85 -4.05
CA ILE B 115 -12.53 18.12 -4.62
C ILE B 115 -11.64 18.51 -5.80
N THR B 116 -10.32 18.35 -5.64
CA THR B 116 -9.41 18.64 -6.74
C THR B 116 -9.74 17.79 -7.96
N THR B 117 -10.04 16.51 -7.74
CA THR B 117 -10.42 15.64 -8.85
C THR B 117 -11.74 16.07 -9.48
N VAL B 118 -12.73 16.43 -8.65
CA VAL B 118 -14.02 16.87 -9.18
C VAL B 118 -13.84 18.12 -10.02
N ARG B 119 -13.09 19.10 -9.49
CA ARG B 119 -12.90 20.36 -10.22
C ARG B 119 -12.18 20.13 -11.54
N ALA B 120 -11.19 19.24 -11.56
CA ALA B 120 -10.46 18.97 -12.80
C ALA B 120 -11.35 18.28 -13.82
N ALA B 121 -12.35 17.54 -13.38
CA ALA B 121 -13.26 16.89 -14.32
C ALA B 121 -14.22 17.88 -14.96
N ILE B 122 -14.64 18.91 -14.21
CA ILE B 122 -15.70 19.80 -14.64
C ILE B 122 -15.17 21.10 -15.22
N ALA B 123 -13.86 21.29 -15.23
CA ALA B 123 -13.28 22.54 -15.69
C ALA B 123 -13.63 22.81 -17.16
N ASP B 124 -13.81 24.09 -17.48
CA ASP B 124 -13.93 24.48 -18.88
C ASP B 124 -12.66 24.08 -19.61
N GLY B 125 -12.84 23.34 -20.71
CA GLY B 125 -11.70 22.88 -21.47
C GLY B 125 -10.96 21.72 -20.87
N ALA B 126 -11.56 20.99 -19.92
CA ALA B 126 -10.92 19.80 -19.39
C ALA B 126 -10.59 18.83 -20.52
N LYS B 127 -9.38 18.29 -20.49
CA LYS B 127 -8.90 17.32 -21.46
C LYS B 127 -8.83 15.94 -20.83
N PRO B 128 -8.91 14.88 -21.64
CA PRO B 128 -8.81 13.52 -21.06
C PRO B 128 -7.55 13.31 -20.23
N SER B 129 -6.44 13.89 -20.65
CA SER B 129 -5.17 13.75 -19.93
C SER B 129 -5.18 14.46 -18.57
N ASP B 130 -6.19 15.27 -18.27
CA ASP B 130 -6.29 15.87 -16.95
C ASP B 130 -6.70 14.87 -15.87
N LEU B 131 -7.12 13.66 -16.25
CA LEU B 131 -7.60 12.68 -15.28
C LEU B 131 -6.87 11.36 -15.52
N ASN B 132 -6.37 10.77 -14.44
CA ASN B 132 -5.84 9.42 -14.48
C ASN B 132 -6.95 8.43 -14.16
N ARG B 133 -6.79 7.20 -14.65
CA ARG B 133 -7.76 6.13 -14.44
C ARG B 133 -7.02 4.83 -14.13
N PRO B 134 -7.52 4.05 -13.14
CA PRO B 134 -8.71 4.27 -12.32
C PRO B 134 -8.42 5.25 -11.19
N GLY B 135 -9.43 5.62 -10.42
CA GLY B 135 -9.24 6.57 -9.34
C GLY B 135 -10.26 6.41 -8.22
N HIS B 136 -10.40 7.44 -7.39
CA HIS B 136 -11.26 7.37 -6.22
C HIS B 136 -12.45 8.32 -6.29
N VAL B 137 -12.73 8.88 -7.46
CA VAL B 137 -14.00 9.56 -7.71
C VAL B 137 -14.74 8.76 -8.78
N PHE B 138 -16.07 8.65 -8.62
CA PHE B 138 -16.88 7.73 -9.40
C PHE B 138 -17.87 8.50 -10.26
N PRO B 139 -17.56 8.79 -11.52
CA PRO B 139 -18.51 9.53 -12.36
C PRO B 139 -19.72 8.68 -12.72
N LEU B 140 -20.85 9.37 -12.89
CA LEU B 140 -22.11 8.76 -13.27
C LEU B 140 -22.67 9.50 -14.47
N ARG B 141 -22.96 8.78 -15.55
CA ARG B 141 -23.41 9.39 -16.80
C ARG B 141 -24.92 9.42 -16.83
N ALA B 142 -25.50 10.63 -16.82
CA ALA B 142 -26.95 10.77 -16.86
C ALA B 142 -27.48 10.54 -18.28
N GLN B 143 -28.64 9.90 -18.36
CA GLN B 143 -29.28 9.68 -19.65
C GLN B 143 -29.87 10.97 -20.19
N ALA B 144 -29.83 11.11 -21.51
CA ALA B 144 -30.39 12.29 -22.15
C ALA B 144 -31.88 12.39 -21.88
N GLY B 145 -32.33 13.58 -21.50
CA GLY B 145 -33.71 13.82 -21.15
C GLY B 145 -33.97 13.97 -19.67
N GLY B 146 -32.99 13.68 -18.82
CA GLY B 146 -33.19 13.85 -17.39
C GLY B 146 -34.19 12.85 -16.83
N VAL B 147 -34.90 13.28 -15.77
CA VAL B 147 -35.82 12.38 -15.07
C VAL B 147 -37.02 12.00 -15.92
N LEU B 148 -37.32 12.77 -16.97
CA LEU B 148 -38.41 12.38 -17.86
C LEU B 148 -38.08 11.12 -18.63
N THR B 149 -36.80 10.76 -18.73
CA THR B 149 -36.34 9.53 -19.37
C THR B 149 -36.04 8.44 -18.35
N ARG B 150 -35.29 8.78 -17.30
CA ARG B 150 -34.91 7.84 -16.25
C ARG B 150 -35.00 8.56 -14.91
N GLY B 151 -35.90 8.10 -14.05
CA GLY B 151 -36.11 8.76 -12.77
C GLY B 151 -35.07 8.43 -11.72
N GLY B 152 -33.79 8.41 -12.11
CA GLY B 152 -32.73 8.08 -11.18
C GLY B 152 -32.14 9.28 -10.47
N HIS B 153 -31.39 9.00 -9.40
CA HIS B 153 -30.71 10.06 -8.67
C HIS B 153 -29.67 10.76 -9.53
N THR B 154 -29.07 10.05 -10.48
CA THR B 154 -28.13 10.67 -11.40
C THR B 154 -28.82 11.73 -12.25
N GLU B 155 -29.95 11.36 -12.87
CA GLU B 155 -30.68 12.33 -13.69
C GLU B 155 -31.25 13.46 -12.86
N ALA B 156 -31.77 13.15 -11.68
CA ALA B 156 -32.32 14.20 -10.81
C ALA B 156 -31.24 15.21 -10.43
N THR B 157 -30.02 14.74 -10.20
CA THR B 157 -28.94 15.65 -9.83
C THR B 157 -28.64 16.62 -10.98
N ILE B 158 -28.55 16.11 -12.20
CA ILE B 158 -28.25 16.95 -13.35
C ILE B 158 -29.37 17.95 -13.59
N ASP B 159 -30.62 17.48 -13.57
CA ASP B 159 -31.75 18.38 -13.80
C ASP B 159 -31.78 19.51 -12.77
N LEU B 160 -31.48 19.19 -11.51
CA LEU B 160 -31.50 20.22 -10.47
C LEU B 160 -30.41 21.26 -10.69
N MET B 161 -29.23 20.84 -11.14
CA MET B 161 -28.15 21.79 -11.37
C MET B 161 -28.48 22.73 -12.54
N THR B 162 -29.01 22.18 -13.64
CA THR B 162 -29.34 23.03 -14.78
C THR B 162 -30.46 24.00 -14.46
N LEU B 163 -31.50 23.53 -13.76
CA LEU B 163 -32.60 24.40 -13.37
C LEU B 163 -32.16 25.49 -12.39
N ALA B 164 -31.08 25.26 -11.65
CA ALA B 164 -30.55 26.24 -10.71
C ALA B 164 -29.57 27.21 -11.37
N GLY B 165 -29.27 27.03 -12.64
CA GLY B 165 -28.36 27.91 -13.35
C GLY B 165 -26.92 27.47 -13.38
N PHE B 166 -26.62 26.27 -12.91
CA PHE B 166 -25.26 25.76 -12.86
C PHE B 166 -24.93 24.95 -14.12
N LYS B 167 -23.65 24.66 -14.29
CA LYS B 167 -23.24 23.68 -15.28
C LYS B 167 -23.79 22.30 -14.88
N PRO B 168 -24.12 21.45 -15.86
CA PRO B 168 -24.78 20.18 -15.55
C PRO B 168 -23.83 19.15 -14.94
N ALA B 169 -23.37 19.41 -13.72
CA ALA B 169 -22.54 18.45 -12.99
C ALA B 169 -22.83 18.60 -11.51
N GLY B 170 -23.10 17.47 -10.85
CA GLY B 170 -23.36 17.48 -9.43
C GLY B 170 -22.64 16.34 -8.74
N VAL B 171 -22.43 16.53 -7.44
CA VAL B 171 -21.82 15.53 -6.59
C VAL B 171 -22.90 14.89 -5.74
N LEU B 172 -22.84 13.57 -5.58
CA LEU B 172 -23.92 12.81 -4.96
C LEU B 172 -23.36 11.71 -4.08
N CYS B 173 -24.02 11.47 -2.94
CA CYS B 173 -23.65 10.38 -2.04
C CYS B 173 -24.82 10.05 -1.13
N GLU B 174 -24.96 8.77 -0.81
CA GLU B 174 -26.07 8.31 0.02
C GLU B 174 -25.80 8.61 1.50
N LEU B 175 -26.88 8.82 2.25
CA LEU B 175 -26.77 9.17 3.66
C LEU B 175 -26.76 7.89 4.50
N THR B 176 -25.71 7.71 5.30
CA THR B 176 -25.49 6.50 6.08
C THR B 176 -25.58 6.81 7.57
N ASN B 177 -26.26 5.93 8.31
CA ASN B 177 -26.26 6.03 9.76
C ASN B 177 -24.91 5.58 10.30
N ASP B 178 -24.58 6.06 11.51
CA ASP B 178 -23.29 5.74 12.10
C ASP B 178 -23.13 4.24 12.36
N ASP B 179 -24.22 3.51 12.57
CA ASP B 179 -24.17 2.07 12.82
C ASP B 179 -24.09 1.25 11.54
N GLY B 180 -23.95 1.89 10.38
CA GLY B 180 -23.76 1.20 9.13
C GLY B 180 -25.03 0.98 8.32
N THR B 181 -26.20 1.15 8.92
CA THR B 181 -27.44 1.08 8.17
C THR B 181 -27.63 2.36 7.36
N MET B 182 -28.47 2.28 6.34
CA MET B 182 -28.75 3.44 5.52
C MET B 182 -29.85 4.29 6.16
N ALA B 183 -29.65 5.60 6.15
CA ALA B 183 -30.60 6.50 6.78
C ALA B 183 -31.93 6.50 6.02
N ARG B 184 -33.01 6.25 6.74
CA ARG B 184 -34.34 6.27 6.15
C ARG B 184 -34.85 7.70 6.09
N ALA B 185 -36.04 7.86 5.49
CA ALA B 185 -36.60 9.18 5.25
C ALA B 185 -36.68 10.05 6.51
N PRO B 186 -37.19 9.58 7.65
CA PRO B 186 -37.19 10.45 8.84
C PRO B 186 -35.80 10.92 9.23
N GLU B 187 -34.79 10.04 9.20
CA GLU B 187 -33.43 10.46 9.51
C GLU B 187 -32.89 11.43 8.47
N CYS B 188 -33.26 11.25 7.20
CA CYS B 188 -32.84 12.17 6.15
C CYS B 188 -33.41 13.57 6.37
N ILE B 189 -34.67 13.66 6.80
CA ILE B 189 -35.27 14.95 7.06
C ILE B 189 -34.58 15.65 8.22
N GLU B 190 -34.27 14.90 9.28
CA GLU B 190 -33.61 15.50 10.45
C GLU B 190 -32.21 15.96 10.10
N PHE B 191 -31.47 15.16 9.33
CA PHE B 191 -30.13 15.57 8.90
C PHE B 191 -30.20 16.85 8.06
N ALA B 192 -31.18 16.94 7.16
CA ALA B 192 -31.31 18.11 6.31
C ALA B 192 -31.61 19.37 7.12
N ASN B 193 -32.43 19.24 8.16
CA ASN B 193 -32.75 20.39 9.00
C ASN B 193 -31.57 20.78 9.88
N LYS B 194 -30.75 19.81 10.29
CA LYS B 194 -29.60 20.13 11.13
C LYS B 194 -28.50 20.81 10.33
N HIS B 195 -28.42 20.55 9.03
CA HIS B 195 -27.40 21.13 8.17
C HIS B 195 -27.97 22.09 7.14
N ASN B 196 -29.23 22.51 7.31
CA ASN B 196 -29.85 23.55 6.48
C ASN B 196 -29.84 23.16 5.00
N MET B 197 -30.32 21.96 4.72
CA MET B 197 -30.41 21.44 3.36
C MET B 197 -31.88 21.32 2.96
N ALA B 198 -32.19 21.70 1.72
CA ALA B 198 -33.55 21.63 1.23
C ALA B 198 -33.92 20.19 0.87
N LEU B 199 -35.20 19.87 1.02
CA LEU B 199 -35.72 18.54 0.77
C LEU B 199 -36.61 18.56 -0.48
N VAL B 200 -36.38 17.62 -1.39
CA VAL B 200 -37.16 17.50 -2.61
C VAL B 200 -37.09 16.06 -3.08
N THR B 201 -38.16 15.59 -3.69
CA THR B 201 -38.23 14.22 -4.18
C THR B 201 -38.14 14.19 -5.70
N ILE B 202 -37.80 13.00 -6.22
CA ILE B 202 -37.73 12.82 -7.67
C ILE B 202 -39.12 13.00 -8.29
N GLU B 203 -40.16 12.56 -7.57
CA GLU B 203 -41.51 12.65 -8.10
C GLU B 203 -41.94 14.10 -8.27
N ASP B 204 -41.49 14.99 -7.38
CA ASP B 204 -41.75 16.41 -7.54
C ASP B 204 -41.06 16.95 -8.78
N LEU B 205 -39.83 16.50 -9.04
CA LEU B 205 -39.06 17.01 -10.17
C LEU B 205 -39.69 16.58 -11.49
N VAL B 206 -40.21 15.35 -11.57
CA VAL B 206 -40.85 14.89 -12.79
C VAL B 206 -42.11 15.71 -13.06
N ALA B 207 -42.92 15.95 -12.04
CA ALA B 207 -44.13 16.74 -12.21
C ALA B 207 -43.79 18.20 -12.50
N TYR B 208 -42.72 18.72 -11.89
CA TYR B 208 -42.31 20.10 -12.15
C TYR B 208 -41.89 20.27 -13.60
N ARG B 209 -41.01 19.38 -14.10
CA ARG B 209 -40.53 19.51 -15.47
C ARG B 209 -41.64 19.28 -16.48
N GLN B 210 -42.50 18.28 -16.24
CA GLN B 210 -43.59 18.00 -17.17
C GLN B 210 -44.51 19.21 -17.33
N ALA B 211 -44.70 19.96 -16.25
CA ALA B 211 -45.58 21.13 -16.30
C ALA B 211 -44.89 22.30 -17.01
N HIS B 212 -43.65 22.59 -16.64
CA HIS B 212 -42.98 23.79 -17.15
C HIS B 212 -42.51 23.64 -18.59
N GLU B 213 -42.20 22.42 -19.02
CA GLU B 213 -41.72 22.21 -20.37
C GLU B 213 -42.85 22.02 -21.39
N ARG B 214 -44.10 21.96 -20.92
CA ARG B 214 -45.24 21.85 -21.82
C ARG B 214 -45.55 23.22 -22.41
N LYS B 215 -45.42 23.33 -23.74
CA LYS B 215 -45.66 24.58 -24.46
C LYS B 215 -44.81 25.73 -23.91
N GLN C 3 11.74 3.72 21.82
CA GLN C 3 12.82 3.56 20.84
C GLN C 3 12.41 4.13 19.48
N THR C 4 11.34 3.57 18.90
CA THR C 4 10.83 4.02 17.60
C THR C 4 9.35 4.34 17.73
N LEU C 5 8.76 4.83 16.62
CA LEU C 5 7.36 5.22 16.63
C LEU C 5 6.44 4.07 16.99
N LEU C 6 6.79 2.86 16.57
CA LEU C 6 5.95 1.68 16.79
C LEU C 6 6.60 0.66 17.71
N SER C 7 7.69 1.03 18.39
CA SER C 7 8.40 0.08 19.24
C SER C 7 7.49 -0.46 20.35
N SER C 8 6.49 0.31 20.76
CA SER C 8 5.50 -0.14 21.74
C SER C 8 4.58 -1.22 21.18
N PHE C 9 4.69 -1.57 19.90
CA PHE C 9 3.94 -2.67 19.33
C PHE C 9 4.78 -3.94 19.19
N GLY C 10 6.04 -3.90 19.61
CA GLY C 10 6.97 -5.00 19.46
C GLY C 10 8.06 -4.68 18.45
N THR C 11 9.00 -5.62 18.34
CA THR C 11 10.05 -5.55 17.32
C THR C 11 9.40 -5.69 15.95
N PRO C 12 10.15 -5.44 14.86
CA PRO C 12 9.55 -5.62 13.52
C PRO C 12 8.92 -6.99 13.30
N PHE C 13 9.60 -8.08 13.68
CA PHE C 13 9.01 -9.39 13.46
C PHE C 13 7.89 -9.68 14.46
N GLU C 14 7.98 -9.14 15.67
CA GLU C 14 6.88 -9.29 16.62
C GLU C 14 5.62 -8.61 16.12
N ARG C 15 5.76 -7.45 15.46
CA ARG C 15 4.59 -6.75 14.95
C ARG C 15 3.86 -7.61 13.92
N VAL C 16 4.61 -8.31 13.06
CA VAL C 16 3.99 -9.22 12.11
C VAL C 16 3.23 -10.32 12.84
N GLU C 17 3.90 -10.99 13.78
CA GLU C 17 3.27 -12.06 14.53
C GLU C 17 2.06 -11.56 15.31
N ASN C 18 2.17 -10.36 15.89
CA ASN C 18 1.02 -9.80 16.61
C ASN C 18 -0.11 -9.47 15.65
N ALA C 19 0.21 -9.05 14.43
CA ALA C 19 -0.84 -8.83 13.44
C ALA C 19 -1.49 -10.14 13.03
N LEU C 20 -0.71 -11.20 12.87
CA LEU C 20 -1.29 -12.49 12.52
C LEU C 20 -2.20 -13.00 13.65
N ALA C 21 -1.79 -12.77 14.90
CA ALA C 21 -2.63 -13.17 16.02
C ALA C 21 -3.91 -12.36 16.05
N ALA C 22 -3.83 -11.05 15.80
CA ALA C 22 -5.02 -10.22 15.76
C ALA C 22 -6.01 -10.71 14.71
N LEU C 23 -5.51 -11.13 13.55
CA LEU C 23 -6.41 -11.58 12.49
C LEU C 23 -7.09 -12.89 12.86
N ARG C 24 -6.34 -13.85 13.41
CA ARG C 24 -6.94 -15.11 13.82
C ARG C 24 -7.97 -14.92 14.93
N GLU C 25 -7.81 -13.87 15.75
CA GLU C 25 -8.67 -13.63 16.90
C GLU C 25 -9.90 -12.79 16.55
N GLY C 26 -10.11 -12.47 15.27
CA GLY C 26 -11.25 -11.68 14.87
C GLY C 26 -11.08 -10.19 15.04
N ARG C 27 -9.87 -9.70 15.23
CA ARG C 27 -9.60 -8.29 15.38
C ARG C 27 -9.03 -7.74 14.07
N GLY C 28 -8.98 -6.41 13.99
CA GLY C 28 -8.44 -5.77 12.80
C GLY C 28 -6.95 -5.52 12.92
N VAL C 29 -6.36 -5.07 11.81
CA VAL C 29 -4.95 -4.72 11.76
C VAL C 29 -4.81 -3.39 11.02
N MET C 30 -4.07 -2.46 11.62
CA MET C 30 -3.70 -1.21 10.96
C MET C 30 -2.35 -1.40 10.25
N VAL C 31 -2.32 -1.14 8.96
CA VAL C 31 -1.13 -1.35 8.13
C VAL C 31 -0.61 0.02 7.71
N LEU C 32 0.62 0.33 8.12
CA LEU C 32 1.33 1.51 7.65
C LEU C 32 2.39 1.11 6.64
N ASP C 33 2.86 2.10 5.87
CA ASP C 33 3.95 1.85 4.93
C ASP C 33 5.26 1.65 5.68
N ASP C 34 5.54 2.52 6.64
CA ASP C 34 6.80 2.51 7.38
C ASP C 34 6.57 3.28 8.68
N GLU C 35 7.65 3.75 9.30
CA GLU C 35 7.57 4.44 10.58
C GLU C 35 7.66 5.95 10.45
N ASP C 36 7.52 6.49 9.24
CA ASP C 36 7.43 7.93 9.07
C ASP C 36 6.09 8.43 9.60
N ARG C 37 6.14 9.40 10.52
CA ARG C 37 4.93 9.83 11.20
C ARG C 37 3.99 10.64 10.31
N GLU C 38 4.37 10.97 9.08
CA GLU C 38 3.49 11.67 8.16
C GLU C 38 2.77 10.74 7.20
N ASN C 39 3.03 9.44 7.26
CA ASN C 39 2.38 8.51 6.36
C ASN C 39 1.01 8.09 6.92
N GLU C 40 0.18 7.57 6.04
CA GLU C 40 -1.19 7.21 6.35
C GLU C 40 -1.30 5.69 6.52
N GLY C 41 -2.52 5.22 6.78
CA GLY C 41 -2.70 3.82 7.12
C GLY C 41 -4.06 3.28 6.70
N ASP C 42 -4.09 1.96 6.51
CA ASP C 42 -5.29 1.24 6.10
C ASP C 42 -5.70 0.27 7.20
N MET C 43 -7.02 0.17 7.43
CA MET C 43 -7.60 -0.89 8.26
C MET C 43 -7.84 -2.12 7.40
N ILE C 44 -7.55 -3.31 7.93
CA ILE C 44 -7.76 -4.54 7.18
C ILE C 44 -8.40 -5.60 8.06
N PHE C 45 -9.21 -6.45 7.44
CA PHE C 45 -9.89 -7.57 8.08
C PHE C 45 -9.89 -8.75 7.14
N PRO C 46 -9.92 -9.97 7.66
CA PRO C 46 -10.09 -11.13 6.78
C PRO C 46 -11.45 -11.10 6.12
N ALA C 47 -11.47 -11.34 4.80
CA ALA C 47 -12.74 -11.36 4.08
C ALA C 47 -13.68 -12.43 4.64
N GLU C 48 -13.13 -13.55 5.10
CA GLU C 48 -13.96 -14.66 5.57
C GLU C 48 -14.69 -14.33 6.86
N THR C 49 -14.08 -13.54 7.73
CA THR C 49 -14.58 -13.38 9.09
C THR C 49 -15.04 -11.96 9.41
N MET C 50 -14.84 -11.01 8.51
CA MET C 50 -15.27 -9.65 8.76
C MET C 50 -16.76 -9.60 9.05
N THR C 51 -17.11 -8.99 10.17
CA THR C 51 -18.50 -8.92 10.59
C THR C 51 -19.16 -7.67 10.02
N VAL C 52 -20.48 -7.61 10.16
CA VAL C 52 -21.22 -6.42 9.76
C VAL C 52 -20.78 -5.22 10.59
N GLU C 53 -20.48 -5.46 11.88
CA GLU C 53 -20.03 -4.38 12.76
C GLU C 53 -18.69 -3.82 12.31
N GLN C 54 -17.79 -4.69 11.85
CA GLN C 54 -16.51 -4.22 11.36
C GLN C 54 -16.65 -3.48 10.04
N MET C 55 -17.54 -3.95 9.15
CA MET C 55 -17.83 -3.21 7.93
C MET C 55 -18.41 -1.83 8.24
N ALA C 56 -19.32 -1.77 9.22
CA ALA C 56 -19.86 -0.49 9.66
C ALA C 56 -18.75 0.41 10.21
N LEU C 57 -17.78 -0.17 10.91
CA LEU C 57 -16.65 0.59 11.44
C LEU C 57 -15.82 1.21 10.32
N THR C 58 -15.53 0.43 9.28
CA THR C 58 -14.69 0.95 8.20
C THR C 58 -15.41 1.98 7.35
N ILE C 59 -16.75 1.90 7.26
CA ILE C 59 -17.50 2.95 6.58
C ILE C 59 -17.50 4.22 7.42
N ARG C 60 -17.68 4.09 8.73
CA ARG C 60 -17.80 5.26 9.59
C ARG C 60 -16.48 6.02 9.68
N HIS C 61 -15.37 5.33 9.90
CA HIS C 61 -14.09 5.98 10.14
C HIS C 61 -13.15 5.91 8.95
N GLY C 62 -13.54 5.25 7.87
CA GLY C 62 -12.71 5.13 6.70
C GLY C 62 -13.15 6.04 5.57
N SER C 63 -12.53 5.85 4.41
CA SER C 63 -12.90 6.59 3.22
C SER C 63 -14.25 6.17 2.66
N GLY C 64 -14.79 5.03 3.11
CA GLY C 64 -15.99 4.48 2.51
C GLY C 64 -15.75 3.77 1.20
N ILE C 65 -14.56 3.87 0.64
CA ILE C 65 -14.20 3.10 -0.56
C ILE C 65 -13.62 1.80 -0.06
N VAL C 66 -14.50 0.86 0.27
CA VAL C 66 -14.11 -0.36 0.92
C VAL C 66 -13.76 -1.40 -0.13
N CYS C 67 -12.55 -1.92 -0.06
CA CYS C 67 -11.95 -2.71 -1.14
C CYS C 67 -11.79 -4.16 -0.71
N LEU C 68 -11.89 -5.04 -1.70
CA LEU C 68 -11.76 -6.49 -1.49
C LEU C 68 -10.51 -6.97 -2.23
N CYS C 69 -9.50 -7.37 -1.48
CA CYS C 69 -8.25 -7.82 -2.10
C CYS C 69 -8.36 -9.31 -2.47
N ILE C 70 -8.13 -9.63 -3.74
CA ILE C 70 -8.28 -10.98 -4.24
C ILE C 70 -7.03 -11.37 -5.02
N THR C 71 -6.88 -12.67 -5.26
CA THR C 71 -5.78 -13.20 -6.06
C THR C 71 -6.14 -13.14 -7.54
N GLU C 72 -5.12 -13.36 -8.39
CA GLU C 72 -5.37 -13.44 -9.83
C GLU C 72 -6.21 -14.66 -10.19
N ASP C 73 -6.05 -15.76 -9.43
CA ASP C 73 -6.91 -16.92 -9.63
C ASP C 73 -8.35 -16.60 -9.32
N ARG C 74 -8.60 -15.91 -8.20
CA ARG C 74 -9.96 -15.54 -7.83
C ARG C 74 -10.56 -14.57 -8.84
N ARG C 75 -9.74 -13.65 -9.37
CA ARG C 75 -10.23 -12.73 -10.39
C ARG C 75 -10.70 -13.47 -11.63
N LYS C 76 -9.91 -14.45 -12.08
CA LYS C 76 -10.27 -15.20 -13.28
C LYS C 76 -11.48 -16.08 -13.01
N GLN C 77 -11.56 -16.68 -11.82
CA GLN C 77 -12.73 -17.50 -11.47
C GLN C 77 -14.02 -16.67 -11.54
N LEU C 78 -13.95 -15.42 -11.11
CA LEU C 78 -15.11 -14.54 -11.14
C LEU C 78 -15.28 -13.85 -12.49
N ASP C 79 -14.35 -14.06 -13.43
CA ASP C 79 -14.37 -13.40 -14.73
C ASP C 79 -14.56 -11.89 -14.58
N LEU C 80 -13.67 -11.31 -13.77
CA LEU C 80 -13.68 -9.88 -13.48
C LEU C 80 -12.56 -9.20 -14.25
N PRO C 81 -12.86 -8.48 -15.33
CA PRO C 81 -11.78 -7.76 -16.03
C PRO C 81 -11.19 -6.67 -15.15
N MET C 82 -9.92 -6.38 -15.39
CA MET C 82 -9.34 -5.17 -14.82
C MET C 82 -10.10 -3.97 -15.34
N MET C 83 -10.28 -2.96 -14.48
CA MET C 83 -11.14 -1.84 -14.86
C MET C 83 -10.59 -1.08 -16.06
N VAL C 84 -9.28 -0.92 -16.13
CA VAL C 84 -8.65 -0.20 -17.24
C VAL C 84 -7.56 -1.04 -17.85
N GLU C 85 -7.56 -1.12 -19.18
CA GLU C 85 -6.44 -1.76 -19.88
C GLU C 85 -5.18 -0.92 -19.77
N ASN C 86 -5.30 0.39 -19.96
CA ASN C 86 -4.17 1.32 -19.89
C ASN C 86 -4.24 2.05 -18.56
N ASN C 87 -3.76 1.38 -17.51
CA ASN C 87 -3.78 1.92 -16.16
C ASN C 87 -2.79 3.07 -16.04
N THR C 88 -3.30 4.28 -15.75
CA THR C 88 -2.47 5.47 -15.60
C THR C 88 -2.50 6.03 -14.19
N SER C 89 -2.98 5.26 -13.22
CA SER C 89 -2.94 5.69 -11.83
C SER C 89 -1.49 5.76 -11.35
N ALA C 90 -1.26 6.63 -10.36
CA ALA C 90 0.11 6.90 -9.91
C ALA C 90 0.78 5.64 -9.35
N TYR C 91 0.03 4.82 -8.63
CA TYR C 91 0.56 3.61 -8.02
C TYR C 91 0.28 2.35 -8.83
N GLY C 92 -0.43 2.48 -9.96
CA GLY C 92 -0.82 1.31 -10.71
C GLY C 92 -1.78 0.41 -9.95
N THR C 93 -2.77 0.99 -9.29
CA THR C 93 -3.66 0.23 -8.42
C THR C 93 -4.53 -0.73 -9.22
N GLY C 94 -4.59 -1.98 -8.78
CA GLY C 94 -5.26 -3.02 -9.53
C GLY C 94 -6.76 -3.14 -9.33
N PHE C 95 -7.49 -2.05 -9.51
CA PHE C 95 -8.95 -2.11 -9.45
C PHE C 95 -9.50 -2.99 -10.56
N THR C 96 -10.40 -3.90 -10.22
CA THR C 96 -11.19 -4.58 -11.24
C THR C 96 -12.47 -3.79 -11.46
N VAL C 97 -13.28 -4.26 -12.41
CA VAL C 97 -14.67 -3.81 -12.48
C VAL C 97 -15.31 -4.02 -11.11
N THR C 98 -16.19 -3.11 -10.72
CA THR C 98 -16.78 -3.18 -9.38
C THR C 98 -17.92 -4.19 -9.35
N ILE C 99 -18.27 -4.63 -8.13
CA ILE C 99 -19.13 -5.80 -7.97
C ILE C 99 -20.23 -5.55 -6.95
N GLU C 100 -21.29 -6.36 -7.09
CA GLU C 100 -22.44 -6.34 -6.20
C GLU C 100 -23.05 -7.73 -6.23
N ALA C 101 -23.42 -8.26 -5.06
CA ALA C 101 -24.07 -9.55 -5.01
C ALA C 101 -25.32 -9.56 -5.88
N ALA C 102 -25.51 -10.63 -6.64
CA ALA C 102 -26.70 -10.75 -7.46
C ALA C 102 -27.93 -11.10 -6.64
N GLU C 103 -27.76 -11.58 -5.42
CA GLU C 103 -28.87 -11.99 -4.56
C GLU C 103 -28.61 -11.54 -3.13
N GLY C 104 -29.68 -11.19 -2.43
CA GLY C 104 -29.61 -10.94 -1.00
C GLY C 104 -29.32 -9.52 -0.57
N VAL C 105 -29.32 -8.55 -1.50
CA VAL C 105 -29.08 -7.15 -1.17
C VAL C 105 -30.26 -6.31 -1.65
N THR C 106 -30.26 -5.04 -1.24
CA THR C 106 -31.30 -4.10 -1.65
C THR C 106 -30.70 -2.90 -2.38
N THR C 107 -30.23 -1.90 -1.64
CA THR C 107 -29.61 -0.72 -2.23
C THR C 107 -28.09 -0.82 -2.30
N SER C 108 -27.49 -1.74 -1.56
CA SER C 108 -26.14 -2.30 -1.73
C SER C 108 -25.04 -1.53 -1.01
N VAL C 109 -25.31 -0.38 -0.41
CA VAL C 109 -24.26 0.39 0.25
C VAL C 109 -24.33 0.29 1.77
N SER C 110 -25.31 -0.41 2.33
CA SER C 110 -25.33 -0.63 3.76
C SER C 110 -24.22 -1.61 4.15
N ALA C 111 -23.84 -1.56 5.42
CA ALA C 111 -22.80 -2.46 5.93
C ALA C 111 -23.18 -3.91 5.66
N ALA C 112 -24.45 -4.27 5.91
CA ALA C 112 -24.88 -5.64 5.69
C ALA C 112 -24.83 -6.02 4.20
N ASP C 113 -25.23 -5.10 3.33
CA ASP C 113 -25.19 -5.38 1.89
C ASP C 113 -23.76 -5.56 1.40
N ARG C 114 -22.84 -4.71 1.85
CA ARG C 114 -21.46 -4.84 1.40
C ARG C 114 -20.85 -6.16 1.87
N ILE C 115 -21.14 -6.55 3.11
CA ILE C 115 -20.67 -7.84 3.61
C ILE C 115 -21.24 -8.96 2.75
N THR C 116 -22.53 -8.89 2.43
CA THR C 116 -23.15 -9.90 1.57
C THR C 116 -22.41 -10.03 0.25
N THR C 117 -22.04 -8.89 -0.36
CA THR C 117 -21.31 -8.93 -1.61
C THR C 117 -19.93 -9.56 -1.42
N VAL C 118 -19.20 -9.12 -0.39
CA VAL C 118 -17.87 -9.68 -0.11
C VAL C 118 -17.95 -11.20 0.00
N ARG C 119 -18.89 -11.69 0.80
CA ARG C 119 -18.99 -13.14 1.02
C ARG C 119 -19.39 -13.87 -0.26
N ALA C 120 -20.19 -13.24 -1.13
CA ALA C 120 -20.54 -13.87 -2.39
C ALA C 120 -19.31 -14.02 -3.28
N ALA C 121 -18.41 -13.02 -3.27
CA ALA C 121 -17.24 -13.06 -4.14
C ALA C 121 -16.18 -14.05 -3.67
N ILE C 122 -16.07 -14.28 -2.35
CA ILE C 122 -15.02 -15.14 -1.80
C ILE C 122 -15.49 -16.55 -1.53
N ALA C 123 -16.76 -16.86 -1.73
CA ALA C 123 -17.27 -18.18 -1.45
C ALA C 123 -16.55 -19.22 -2.29
N ASP C 124 -16.38 -20.42 -1.73
CA ASP C 124 -15.92 -21.56 -2.51
C ASP C 124 -16.89 -21.81 -3.64
N GLY C 125 -16.35 -22.04 -4.84
CA GLY C 125 -17.22 -22.29 -5.98
C GLY C 125 -18.02 -21.10 -6.44
N ALA C 126 -17.61 -19.88 -6.05
CA ALA C 126 -18.29 -18.69 -6.56
C ALA C 126 -18.17 -18.64 -8.08
N LYS C 127 -19.29 -18.37 -8.74
CA LYS C 127 -19.37 -18.27 -10.19
C LYS C 127 -19.44 -16.81 -10.61
N PRO C 128 -19.12 -16.51 -11.88
CA PRO C 128 -19.23 -15.11 -12.35
C PRO C 128 -20.62 -14.54 -12.20
N SER C 129 -21.66 -15.32 -12.49
CA SER C 129 -23.03 -14.84 -12.41
C SER C 129 -23.51 -14.59 -10.98
N ASP C 130 -22.70 -14.91 -9.97
CA ASP C 130 -23.05 -14.56 -8.60
C ASP C 130 -22.88 -13.07 -8.32
N LEU C 131 -22.15 -12.34 -9.17
CA LEU C 131 -21.88 -10.93 -8.97
C LEU C 131 -22.42 -10.14 -10.15
N ASN C 132 -23.21 -9.10 -9.87
CA ASN C 132 -23.53 -8.13 -10.89
C ASN C 132 -22.42 -7.09 -10.97
N ARG C 133 -22.35 -6.42 -12.12
CA ARG C 133 -21.37 -5.36 -12.37
C ARG C 133 -22.06 -4.22 -13.13
N PRO C 134 -21.75 -2.95 -12.80
CA PRO C 134 -20.88 -2.48 -11.72
C PRO C 134 -21.56 -2.63 -10.36
N GLY C 135 -20.88 -2.27 -9.29
CA GLY C 135 -21.45 -2.42 -7.97
C GLY C 135 -20.74 -1.51 -6.99
N HIS C 136 -20.94 -1.79 -5.69
CA HIS C 136 -20.46 -0.90 -4.65
C HIS C 136 -19.40 -1.54 -3.76
N VAL C 137 -18.78 -2.63 -4.20
CA VAL C 137 -17.56 -3.15 -3.60
C VAL C 137 -16.48 -3.14 -4.67
N PHE C 138 -15.26 -2.78 -4.25
CA PHE C 138 -14.17 -2.48 -5.18
C PHE C 138 -13.06 -3.51 -5.05
N PRO C 139 -13.02 -4.53 -5.91
CA PRO C 139 -12.00 -5.56 -5.77
C PRO C 139 -10.66 -5.07 -6.29
N LEU C 140 -9.60 -5.49 -5.60
CA LEU C 140 -8.23 -5.16 -5.95
C LEU C 140 -7.46 -6.45 -6.17
N ARG C 141 -6.88 -6.62 -7.35
CA ARG C 141 -6.14 -7.83 -7.67
C ARG C 141 -4.69 -7.69 -7.21
N ALA C 142 -4.25 -8.58 -6.33
CA ALA C 142 -2.89 -8.57 -5.84
C ALA C 142 -1.94 -9.16 -6.89
N GLN C 143 -0.73 -8.60 -6.97
CA GLN C 143 0.26 -9.11 -7.91
C GLN C 143 0.87 -10.40 -7.38
N ALA C 144 1.18 -11.32 -8.29
CA ALA C 144 1.83 -12.57 -7.91
C ALA C 144 3.18 -12.28 -7.27
N GLY C 145 3.44 -12.93 -6.14
CA GLY C 145 4.62 -12.65 -5.36
C GLY C 145 4.37 -11.80 -4.13
N GLY C 146 3.19 -11.21 -4.00
CA GLY C 146 2.87 -10.42 -2.83
C GLY C 146 3.79 -9.24 -2.67
N VAL C 147 4.09 -8.89 -1.42
CA VAL C 147 4.90 -7.70 -1.15
C VAL C 147 6.34 -7.83 -1.62
N LEU C 148 6.79 -9.05 -1.96
CA LEU C 148 8.11 -9.20 -2.55
C LEU C 148 8.15 -8.78 -4.01
N THR C 149 6.99 -8.65 -4.66
CA THR C 149 6.89 -8.11 -6.01
C THR C 149 6.44 -6.65 -6.02
N ARG C 150 5.45 -6.30 -5.20
CA ARG C 150 4.92 -4.95 -5.14
C ARG C 150 4.54 -4.66 -3.69
N GLY C 151 5.22 -3.71 -3.07
CA GLY C 151 4.96 -3.39 -1.68
C GLY C 151 3.72 -2.56 -1.45
N GLY C 152 2.60 -2.95 -2.08
CA GLY C 152 1.37 -2.21 -1.92
C GLY C 152 0.50 -2.75 -0.80
N HIS C 153 -0.47 -1.94 -0.37
CA HIS C 153 -1.39 -2.38 0.67
C HIS C 153 -2.21 -3.58 0.21
N THR C 154 -2.52 -3.65 -1.09
CA THR C 154 -3.24 -4.81 -1.63
C THR C 154 -2.46 -6.09 -1.36
N GLU C 155 -1.17 -6.11 -1.70
CA GLU C 155 -0.36 -7.30 -1.52
C GLU C 155 -0.15 -7.62 -0.05
N ALA C 156 0.02 -6.59 0.79
CA ALA C 156 0.24 -6.83 2.21
C ALA C 156 -0.99 -7.45 2.85
N THR C 157 -2.17 -7.02 2.44
CA THR C 157 -3.41 -7.63 2.95
C THR C 157 -3.44 -9.12 2.64
N ILE C 158 -3.18 -9.49 1.38
CA ILE C 158 -3.24 -10.90 0.99
C ILE C 158 -2.17 -11.71 1.74
N ASP C 159 -0.94 -11.19 1.77
CA ASP C 159 0.15 -11.91 2.44
C ASP C 159 -0.16 -12.14 3.91
N LEU C 160 -0.70 -11.11 4.59
CA LEU C 160 -1.03 -11.26 5.99
C LEU C 160 -2.16 -12.27 6.22
N MET C 161 -3.09 -12.39 5.27
CA MET C 161 -4.17 -13.36 5.42
C MET C 161 -3.65 -14.77 5.31
N THR C 162 -2.80 -15.04 4.31
CA THR C 162 -2.30 -16.41 4.13
C THR C 162 -1.35 -16.80 5.25
N LEU C 163 -0.55 -15.85 5.75
CA LEU C 163 0.31 -16.13 6.89
C LEU C 163 -0.50 -16.38 8.15
N ALA C 164 -1.68 -15.74 8.28
CA ALA C 164 -2.55 -15.99 9.41
C ALA C 164 -3.36 -17.28 9.26
N GLY C 165 -3.32 -17.91 8.08
CA GLY C 165 -4.02 -19.16 7.88
C GLY C 165 -5.36 -19.06 7.18
N PHE C 166 -5.71 -17.88 6.66
CA PHE C 166 -6.98 -17.67 6.00
C PHE C 166 -6.86 -17.90 4.50
N LYS C 167 -8.02 -17.97 3.83
CA LYS C 167 -8.03 -17.90 2.38
C LYS C 167 -7.41 -16.57 1.94
N PRO C 168 -6.78 -16.51 0.75
CA PRO C 168 -6.07 -15.28 0.36
C PRO C 168 -7.01 -14.18 -0.10
N ALA C 169 -7.78 -13.63 0.85
CA ALA C 169 -8.71 -12.56 0.55
C ALA C 169 -8.90 -11.71 1.80
N GLY C 170 -8.84 -10.39 1.64
CA GLY C 170 -9.02 -9.49 2.76
C GLY C 170 -9.65 -8.18 2.33
N VAL C 171 -10.24 -7.50 3.31
CA VAL C 171 -10.92 -6.22 3.08
C VAL C 171 -10.04 -5.09 3.62
N LEU C 172 -9.94 -4.00 2.87
CA LEU C 172 -9.14 -2.86 3.31
C LEU C 172 -9.89 -1.56 3.06
N CYS C 173 -9.49 -0.53 3.81
CA CYS C 173 -10.00 0.82 3.63
C CYS C 173 -9.09 1.80 4.36
N GLU C 174 -8.90 2.99 3.79
CA GLU C 174 -7.99 3.97 4.39
C GLU C 174 -8.64 4.67 5.58
N LEU C 175 -7.86 4.86 6.64
CA LEU C 175 -8.35 5.55 7.83
C LEU C 175 -8.44 7.05 7.59
N THR C 176 -9.62 7.63 7.80
CA THR C 176 -9.87 9.04 7.55
C THR C 176 -10.26 9.73 8.85
N ASN C 177 -9.73 10.94 9.05
CA ASN C 177 -10.17 11.77 10.16
C ASN C 177 -11.56 12.33 9.88
N ASP C 178 -12.24 12.74 10.96
CA ASP C 178 -13.61 13.22 10.84
C ASP C 178 -13.70 14.52 10.05
N ASP C 179 -12.63 15.31 9.99
CA ASP C 179 -12.64 16.60 9.32
C ASP C 179 -12.30 16.52 7.84
N GLY C 180 -12.18 15.32 7.28
CA GLY C 180 -11.92 15.14 5.87
C GLY C 180 -10.47 14.85 5.53
N THR C 181 -9.53 15.23 6.40
CA THR C 181 -8.15 14.90 6.16
C THR C 181 -7.90 13.42 6.44
N MET C 182 -6.81 12.90 5.89
CA MET C 182 -6.44 11.52 6.12
C MET C 182 -5.65 11.39 7.41
N ALA C 183 -5.81 10.25 8.07
CA ALA C 183 -5.17 10.03 9.36
C ALA C 183 -3.69 9.69 9.17
N ARG C 184 -2.82 10.52 9.73
CA ARG C 184 -1.39 10.23 9.73
C ARG C 184 -1.08 9.18 10.81
N ALA C 185 0.20 8.80 10.89
CA ALA C 185 0.59 7.66 11.73
C ALA C 185 0.19 7.81 13.20
N PRO C 186 0.37 8.96 13.87
CA PRO C 186 -0.06 9.03 15.28
C PRO C 186 -1.56 8.83 15.46
N GLU C 187 -2.38 9.33 14.54
CA GLU C 187 -3.82 9.06 14.60
C GLU C 187 -4.13 7.62 14.29
N CYS C 188 -3.37 7.01 13.38
CA CYS C 188 -3.54 5.58 13.11
C CYS C 188 -3.20 4.75 14.34
N ILE C 189 -2.17 5.14 15.06
CA ILE C 189 -1.76 4.43 16.28
C ILE C 189 -2.84 4.56 17.35
N GLU C 190 -3.35 5.77 17.56
CA GLU C 190 -4.37 5.98 18.59
C GLU C 190 -5.65 5.25 18.23
N PHE C 191 -6.01 5.23 16.94
CA PHE C 191 -7.20 4.51 16.50
C PHE C 191 -7.05 3.01 16.69
N ALA C 192 -5.86 2.46 16.37
CA ALA C 192 -5.63 1.03 16.55
C ALA C 192 -5.68 0.66 18.03
N ASN C 193 -5.13 1.51 18.91
CA ASN C 193 -5.20 1.24 20.34
C ASN C 193 -6.63 1.30 20.84
N LYS C 194 -7.41 2.27 20.36
CA LYS C 194 -8.79 2.42 20.82
C LYS C 194 -9.65 1.23 20.44
N HIS C 195 -9.43 0.67 19.24
CA HIS C 195 -10.22 -0.46 18.76
C HIS C 195 -9.47 -1.78 18.85
N ASN C 196 -8.41 -1.84 19.66
CA ASN C 196 -7.66 -3.08 19.92
C ASN C 196 -7.22 -3.75 18.64
N MET C 197 -6.69 -2.95 17.70
CA MET C 197 -6.13 -3.45 16.47
C MET C 197 -4.61 -3.54 16.59
N ALA C 198 -4.03 -4.55 15.95
CA ALA C 198 -2.58 -4.64 15.87
C ALA C 198 -2.05 -3.70 14.79
N LEU C 199 -0.76 -3.37 14.89
CA LEU C 199 -0.10 -2.43 14.00
C LEU C 199 1.12 -3.08 13.37
N VAL C 200 1.29 -2.90 12.06
CA VAL C 200 2.43 -3.50 11.36
C VAL C 200 2.69 -2.67 10.11
N THR C 201 3.95 -2.62 9.69
CA THR C 201 4.32 -1.91 8.47
C THR C 201 4.61 -2.88 7.34
N ILE C 202 4.50 -2.38 6.11
CA ILE C 202 4.80 -3.20 4.95
C ILE C 202 6.28 -3.56 4.91
N GLU C 203 7.14 -2.65 5.38
CA GLU C 203 8.56 -2.95 5.51
C GLU C 203 8.80 -4.09 6.50
N ASP C 204 8.06 -4.09 7.62
CA ASP C 204 8.13 -5.22 8.54
C ASP C 204 7.80 -6.53 7.83
N LEU C 205 6.74 -6.52 7.03
CA LEU C 205 6.25 -7.75 6.41
C LEU C 205 7.19 -8.22 5.31
N VAL C 206 7.72 -7.29 4.51
CA VAL C 206 8.69 -7.64 3.49
C VAL C 206 9.89 -8.34 4.11
N ALA C 207 10.44 -7.74 5.18
CA ALA C 207 11.59 -8.34 5.85
C ALA C 207 11.23 -9.69 6.45
N TYR C 208 10.03 -9.81 7.02
CA TYR C 208 9.60 -11.07 7.61
C TYR C 208 9.51 -12.17 6.55
N ARG C 209 8.92 -11.86 5.40
CA ARG C 209 8.77 -12.86 4.35
C ARG C 209 10.12 -13.25 3.76
N GLN C 210 11.02 -12.28 3.59
CA GLN C 210 12.35 -12.60 3.07
C GLN C 210 13.10 -13.55 4.01
N ALA C 211 13.08 -13.26 5.31
CA ALA C 211 13.82 -14.09 6.24
C ALA C 211 13.22 -15.50 6.35
N HIS C 212 11.89 -15.61 6.33
CA HIS C 212 11.27 -16.89 6.59
C HIS C 212 11.24 -17.81 5.37
N GLU C 213 11.15 -17.25 4.16
CA GLU C 213 11.07 -18.06 2.95
C GLU C 213 12.43 -18.40 2.38
N ARG C 214 13.51 -17.93 2.99
CA ARG C 214 14.86 -18.29 2.54
C ARG C 214 15.18 -19.72 2.98
N LYS C 215 15.45 -20.59 2.01
CA LYS C 215 15.80 -21.99 2.27
C LYS C 215 14.75 -22.70 3.14
#